data_4NYM
#
_entry.id   4NYM
#
_cell.length_a   186.805
_cell.length_b   186.805
_cell.length_c   178.684
_cell.angle_alpha   90.00
_cell.angle_beta   90.00
_cell.angle_gamma   90.00
#
_symmetry.space_group_name_H-M   'I 4 2 2'
#
loop_
_entity.id
_entity.type
_entity.pdbx_description
1 polymer 'GTPase HRas'
2 polymer 'GTPase HRas'
3 polymer 'Son of sevenless homolog 1'
4 non-polymer 'MAGNESIUM ION'
5 non-polymer 'PHOSPHOAMINOPHOSPHONIC ACID-GUANYLATE ESTER'
6 non-polymer N-[1-(1H-indol-3-ylmethyl)piperidin-4-yl]-L-tryptophanamide
#
loop_
_entity_poly.entity_id
_entity_poly.type
_entity_poly.pdbx_seq_one_letter_code
_entity_poly.pdbx_strand_id
1 'polypeptide(L)'
;MTEYKLVVVGAGGVGKSALTIQLIQNHFVDEYDPTIEDSYRKQVVIDGETCLLDILDTAGQEEASAMRDQYMRTGEGFLC
VFAINNTKSFEDIHQYREQIKRVKDSDDVPMVLVGNKCDLAARTVESRQAQDLARSYGIPYIETSAKTRQGVEDAFYTLV
REIRQH
;
Q
2 'polypeptide(L)'
;MTEYKLVVVGAGGVGKSALTIQLIQNHFVDEYDPTIEDSYRKQVVIDGETCLLDILDTAGQEEYSAMRDQYMRTGEGFLC
VFAINNTKSFEDIHQYREQIKRVKDSDDVPMVLVGNKCDLAARTVESRQAQDLARSYGIPYIETSAKTRQGVEDAFYTLV
REIRQH
;
R
3 'polypeptide(L)'
;QMRLPSADVYRFAEPDSEENIIFEENMQPKAGIPIIKAGTVIKLIERLTYHMYADPNFVRTFLTTYRSFCKPQELLSLII
ERFEIPEPEPTEADRIAIENGDQPLSAELKRFRKEYIQPVQLRVLNVCRHWVEHHFYDFERDAYLLQRMEEFIGTVRGKA
MKKWVESITKIIQRKKIARDNGPGHNITFQSSPPTVEWHISRPGHIETFDLLTLHPIEIARQLTLLESDLYRAVQPSELV
GSVWTKEDKEINSPNLLKMIRHTTNLTLWFEKCIVETENLEERVAVVSRIIEILQVFQELNNFNGVLEVVSAMNSSPVYR
LDHTFEQIPSRQKKILEEAHELSEDHYKKYLAKLRSINPPCVPFFGIYLTNILKTEEGNPEVLKRHGKELINFSKRRKVA
EITGEIQQYQNQPYCLRVESDIKRFFENLNPMGNSMEKEFTDYLFNKSLEIEPRNPKPLPRFPKKYSYPLKSPGVRPSNP
R
;
S
#
loop_
_chem_comp.id
_chem_comp.type
_chem_comp.name
_chem_comp.formula
GNP non-polymer 'PHOSPHOAMINOPHOSPHONIC ACID-GUANYLATE ESTER' 'C10 H17 N6 O13 P3'
MG non-polymer 'MAGNESIUM ION' 'Mg 2'
RND non-polymer N-[1-(1H-indol-3-ylmethyl)piperidin-4-yl]-L-tryptophanamide 'C25 H29 N5 O'
#
# COMPACT_ATOMS: atom_id res chain seq x y z
N MET A 1 2.50 -16.00 9.30
CA MET A 1 3.00 -14.79 9.95
C MET A 1 2.19 -14.48 11.22
N THR A 2 2.75 -14.83 12.38
CA THR A 2 2.12 -14.57 13.70
C THR A 2 1.72 -13.08 13.84
N GLU A 3 0.65 -12.79 14.56
CA GLU A 3 0.26 -11.38 14.71
C GLU A 3 -0.02 -10.89 16.14
N TYR A 4 0.76 -9.91 16.59
CA TYR A 4 0.76 -9.47 17.99
C TYR A 4 0.17 -8.07 18.11
N LYS A 5 -0.69 -7.83 19.10
CA LYS A 5 -1.34 -6.51 19.28
C LYS A 5 -0.82 -5.80 20.52
N LEU A 6 0.19 -4.98 20.37
CA LEU A 6 0.74 -4.26 21.51
C LEU A 6 -0.02 -2.97 21.76
N VAL A 7 -0.19 -2.59 23.02
CA VAL A 7 -0.79 -1.30 23.39
C VAL A 7 0.11 -0.47 24.31
N VAL A 8 0.40 0.77 23.92
CA VAL A 8 1.19 1.63 24.79
C VAL A 8 0.29 2.46 25.72
N VAL A 9 0.48 2.34 27.03
CA VAL A 9 -0.30 3.13 27.99
C VAL A 9 0.60 3.99 28.84
N GLY A 10 0.08 5.12 29.30
CA GLY A 10 0.88 5.94 30.18
C GLY A 10 0.36 7.32 30.56
N ALA A 11 1.10 7.94 31.48
CA ALA A 11 0.86 9.31 31.88
C ALA A 11 0.77 10.26 30.70
N GLY A 12 0.13 11.40 30.89
CA GLY A 12 0.05 12.37 29.83
C GLY A 12 1.41 12.98 29.51
N GLY A 13 1.88 12.77 28.29
CA GLY A 13 3.09 13.44 27.84
C GLY A 13 4.40 12.86 28.30
N VAL A 14 4.45 11.54 28.43
CA VAL A 14 5.68 10.82 28.79
C VAL A 14 6.50 10.45 27.56
N GLY A 15 5.81 10.21 26.44
CA GLY A 15 6.48 9.81 25.21
C GLY A 15 5.95 8.54 24.58
N LYS A 16 4.70 8.20 24.85
CA LYS A 16 4.07 7.06 24.20
C LYS A 16 4.07 7.26 22.69
N SER A 17 3.63 8.44 22.24
CA SER A 17 3.65 8.77 20.82
C SER A 17 5.10 8.84 20.30
N ALA A 18 5.96 9.62 20.95
CA ALA A 18 7.34 9.79 20.48
C ALA A 18 8.12 8.50 20.30
N LEU A 19 7.88 7.53 21.19
CA LEU A 19 8.50 6.19 21.06
C LEU A 19 7.95 5.42 19.90
N THR A 20 6.62 5.36 19.81
CA THR A 20 5.97 4.54 18.81
C THR A 20 6.39 4.98 17.44
N ILE A 21 6.42 6.29 17.19
CA ILE A 21 6.92 6.83 15.92
C ILE A 21 8.39 6.50 15.66
N GLN A 22 9.25 6.73 16.64
CA GLN A 22 10.65 6.31 16.53
C GLN A 22 10.77 4.83 16.14
N LEU A 23 9.94 3.97 16.72
CA LEU A 23 9.94 2.56 16.34
C LEU A 23 9.50 2.35 14.90
N ILE A 24 8.38 2.94 14.51
CA ILE A 24 7.87 2.69 13.15
C ILE A 24 8.65 3.37 12.03
N GLN A 25 9.04 4.63 12.26
CA GLN A 25 9.55 5.50 11.21
C GLN A 25 10.97 6.00 11.37
N ASN A 26 11.58 5.73 12.52
CA ASN A 26 12.94 6.18 12.80
C ASN A 26 13.05 7.69 12.87
N HIS A 27 11.95 8.32 13.28
CA HIS A 27 11.85 9.75 13.32
C HIS A 27 11.49 10.24 14.73
N PHE A 28 12.21 11.24 15.21
CA PHE A 28 11.88 11.84 16.51
C PHE A 28 10.89 13.00 16.40
N VAL A 29 9.67 12.76 16.88
CA VAL A 29 8.66 13.82 17.01
C VAL A 29 9.17 14.82 18.05
N ASP A 30 9.08 16.12 17.77
CA ASP A 30 9.54 17.11 18.76
C ASP A 30 8.34 17.79 19.42
N GLU A 31 7.30 17.97 18.61
CA GLU A 31 6.08 18.67 18.99
C GLU A 31 5.28 17.83 19.95
N TYR A 32 4.68 18.46 20.93
CA TYR A 32 3.77 17.75 21.81
C TYR A 32 2.36 17.96 21.26
N ASP A 33 1.80 16.89 20.70
CA ASP A 33 0.40 16.91 20.27
C ASP A 33 -0.32 15.79 20.97
N PRO A 34 -1.19 16.16 21.93
CA PRO A 34 -1.98 15.21 22.71
C PRO A 34 -2.73 14.26 21.81
N THR A 35 -2.51 12.99 22.13
CA THR A 35 -2.97 11.85 21.37
C THR A 35 -4.36 11.47 21.89
N ILE A 36 -5.29 11.17 20.99
CA ILE A 36 -6.62 10.74 21.40
C ILE A 36 -6.78 9.24 21.16
N GLU A 37 -6.23 8.77 20.05
CA GLU A 37 -6.33 7.36 19.62
C GLU A 37 -5.72 7.19 18.24
N ASP A 38 -4.42 6.91 18.17
CA ASP A 38 -3.76 6.62 16.89
C ASP A 38 -3.39 5.15 16.86
N SER A 39 -3.19 4.60 15.67
CA SER A 39 -2.86 3.18 15.54
C SER A 39 -1.88 2.93 14.40
N TYR A 40 -0.97 1.97 14.60
CA TYR A 40 0.11 1.69 13.65
C TYR A 40 0.44 0.20 13.43
N ARG A 41 0.86 -0.15 12.22
CA ARG A 41 1.32 -1.50 11.98
C ARG A 41 2.77 -1.49 11.51
N LYS A 42 3.50 -2.52 11.90
CA LYS A 42 4.89 -2.64 11.53
C LYS A 42 5.21 -4.10 11.32
N GLN A 43 5.63 -4.47 10.11
CA GLN A 43 6.13 -5.82 9.87
C GLN A 43 7.58 -5.89 10.26
N VAL A 44 7.91 -6.77 11.21
CA VAL A 44 9.29 -6.91 11.65
C VAL A 44 9.57 -8.36 11.99
N VAL A 45 10.84 -8.73 11.98
CA VAL A 45 11.28 -10.09 12.27
C VAL A 45 12.04 -10.22 13.59
N ILE A 46 11.46 -11.01 14.49
CA ILE A 46 11.91 -11.08 15.86
C ILE A 46 12.27 -12.52 16.15
N ASP A 47 13.57 -12.74 16.38
CA ASP A 47 14.07 -14.08 16.67
C ASP A 47 13.62 -15.07 15.61
N GLY A 48 13.71 -14.66 14.35
CA GLY A 48 13.45 -15.55 13.22
C GLY A 48 12.00 -15.79 12.88
N GLU A 49 11.08 -15.06 13.50
CA GLU A 49 9.68 -15.11 13.05
C GLU A 49 9.35 -13.79 12.34
N THR A 50 8.48 -13.86 11.35
CA THR A 50 7.95 -12.62 10.84
C THR A 50 6.76 -12.33 11.71
N CYS A 51 6.80 -11.21 12.41
CA CYS A 51 5.75 -10.81 13.30
C CYS A 51 5.10 -9.59 12.67
N LEU A 52 3.77 -9.57 12.59
CA LEU A 52 3.10 -8.31 12.26
C LEU A 52 2.68 -7.62 13.56
N LEU A 53 3.40 -6.57 13.91
CA LEU A 53 3.15 -5.81 15.12
C LEU A 53 2.01 -4.87 14.86
N ASP A 54 1.10 -4.78 15.82
CA ASP A 54 -0.09 -3.99 15.68
C ASP A 54 -0.18 -3.07 16.86
N ILE A 55 0.45 -1.91 16.76
CA ILE A 55 0.66 -1.03 17.90
C ILE A 55 -0.42 0.05 18.04
N LEU A 56 -1.07 0.08 19.20
CA LEU A 56 -2.07 1.10 19.55
C LEU A 56 -1.54 2.11 20.57
N ASP A 57 -1.39 3.36 20.13
CA ASP A 57 -0.87 4.47 20.91
C ASP A 57 -2.07 5.20 21.55
N THR A 58 -2.21 5.10 22.88
CA THR A 58 -3.38 5.62 23.59
C THR A 58 -3.25 7.05 24.05
N ALA A 59 -4.34 7.55 24.62
CA ALA A 59 -4.43 8.90 25.17
C ALA A 59 -4.05 8.89 26.63
N GLY A 60 -3.28 9.92 27.02
CA GLY A 60 -2.68 9.95 28.34
C GLY A 60 -3.42 10.81 29.34
N GLN A 61 -3.96 11.92 28.86
CA GLN A 61 -4.72 12.89 29.64
C GLN A 61 -5.92 12.25 30.34
N GLU A 62 -6.38 12.88 31.42
CA GLU A 62 -7.45 12.30 32.22
C GLU A 62 -8.83 12.45 31.55
N GLU A 63 -8.91 13.33 30.55
CA GLU A 63 -10.14 13.57 29.81
C GLU A 63 -10.66 12.30 29.12
N ALA A 64 -9.74 11.40 28.77
CA ALA A 64 -10.11 10.16 28.10
C ALA A 64 -10.10 8.96 29.06
N SER A 65 -9.96 9.23 30.36
CA SER A 65 -9.99 8.19 31.39
C SER A 65 -11.30 7.41 31.40
N ALA A 66 -12.32 8.04 30.82
CA ALA A 66 -13.60 7.40 30.56
C ALA A 66 -13.39 6.23 29.59
N MET A 67 -12.67 6.54 28.50
CA MET A 67 -12.60 5.66 27.33
C MET A 67 -11.34 4.77 27.23
N ARG A 68 -10.99 4.12 28.34
CA ARG A 68 -9.88 3.16 28.36
C ARG A 68 -10.33 1.71 28.18
N ASP A 69 -11.11 1.19 29.12
CA ASP A 69 -11.53 -0.24 29.17
C ASP A 69 -11.87 -0.91 27.85
N GLN A 70 -11.76 -0.17 26.76
CA GLN A 70 -12.18 -0.60 25.43
C GLN A 70 -11.01 -1.17 24.66
N TYR A 71 -9.88 -0.45 24.73
CA TYR A 71 -8.66 -0.97 24.13
C TYR A 71 -7.98 -1.96 25.06
N MET A 72 -7.93 -1.69 26.35
CA MET A 72 -7.43 -2.63 27.35
C MET A 72 -8.13 -3.99 27.21
N ARG A 73 -9.31 -3.97 26.62
CA ARG A 73 -10.12 -5.18 26.47
C ARG A 73 -9.53 -6.14 25.41
N THR A 74 -9.01 -5.56 24.32
CA THR A 74 -8.55 -6.31 23.13
C THR A 74 -7.02 -6.43 22.95
N GLY A 75 -6.25 -5.69 23.75
CA GLY A 75 -4.80 -5.73 23.69
C GLY A 75 -4.20 -7.07 24.09
N GLU A 76 -2.99 -7.38 23.61
CA GLU A 76 -2.33 -8.66 23.91
C GLU A 76 -1.27 -8.45 24.98
N GLY A 77 -0.43 -7.43 24.82
CA GLY A 77 0.59 -7.12 25.80
C GLY A 77 0.70 -5.62 25.93
N PHE A 78 1.17 -5.12 27.07
CA PHE A 78 1.06 -3.70 27.35
C PHE A 78 2.36 -3.07 27.68
N LEU A 79 2.65 -1.94 27.05
CA LEU A 79 3.88 -1.21 27.32
C LEU A 79 3.65 -0.08 28.32
N CYS A 80 3.85 -0.29 29.61
CA CYS A 80 3.62 0.78 30.59
C CYS A 80 4.76 1.79 30.62
N VAL A 81 4.51 3.00 30.13
CA VAL A 81 5.53 4.04 30.04
C VAL A 81 5.42 5.11 31.13
N PHE A 82 6.57 5.54 31.65
CA PHE A 82 6.63 6.75 32.46
C PHE A 82 7.90 7.47 32.06
N ALA A 83 8.06 8.72 32.47
CA ALA A 83 9.29 9.44 32.12
C ALA A 83 10.15 9.63 33.35
N ILE A 84 11.45 9.50 33.19
CA ILE A 84 12.33 9.48 34.35
C ILE A 84 12.58 10.87 34.92
N ASN A 85 11.91 11.88 34.37
CA ASN A 85 12.02 13.22 34.93
C ASN A 85 10.71 13.73 35.54
N ASN A 86 9.70 12.88 35.52
CA ASN A 86 8.40 13.24 36.09
C ASN A 86 7.94 12.19 37.11
N THR A 87 8.20 12.44 38.40
CA THR A 87 7.92 11.44 39.45
C THR A 87 6.44 11.14 39.54
N LYS A 88 5.60 12.11 39.16
CA LYS A 88 4.15 11.91 39.16
C LYS A 88 3.74 10.80 38.19
N SER A 89 4.37 10.78 37.02
CA SER A 89 4.10 9.79 35.97
C SER A 89 4.48 8.37 36.38
N PHE A 90 5.34 8.26 37.39
CA PHE A 90 5.81 6.97 37.89
C PHE A 90 4.83 6.48 38.93
N GLU A 91 4.33 7.41 39.72
CA GLU A 91 3.35 7.09 40.74
C GLU A 91 2.03 6.65 40.10
N ASP A 92 1.81 7.08 38.85
CA ASP A 92 0.58 6.75 38.12
C ASP A 92 0.62 5.33 37.51
N ILE A 93 1.82 4.75 37.44
CA ILE A 93 1.99 3.41 36.87
C ILE A 93 1.18 2.36 37.63
N HIS A 94 1.26 2.41 38.96
CA HIS A 94 0.49 1.53 39.85
C HIS A 94 -0.93 1.35 39.37
N GLN A 95 -1.58 2.45 39.04
CA GLN A 95 -2.97 2.44 38.59
C GLN A 95 -3.14 1.82 37.21
N TYR A 96 -2.19 2.04 36.32
CA TYR A 96 -2.31 1.52 34.96
C TYR A 96 -2.25 -0.01 34.98
N ARG A 97 -1.38 -0.55 35.81
CA ARG A 97 -1.22 -1.99 35.96
C ARG A 97 -2.53 -2.52 36.47
N GLU A 98 -3.17 -1.70 37.30
CA GLU A 98 -4.39 -2.09 37.97
C GLU A 98 -5.60 -2.13 37.04
N GLN A 99 -5.79 -1.05 36.26
CA GLN A 99 -6.92 -1.03 35.33
C GLN A 99 -6.80 -2.23 34.38
N ILE A 100 -5.59 -2.50 33.92
CA ILE A 100 -5.33 -3.65 33.06
C ILE A 100 -5.68 -4.98 33.75
N LYS A 101 -5.17 -5.21 34.95
CA LYS A 101 -5.46 -6.47 35.64
C LYS A 101 -6.95 -6.65 35.91
N ARG A 102 -7.68 -5.54 36.10
CA ARG A 102 -9.12 -5.60 36.32
C ARG A 102 -9.87 -5.92 35.02
N VAL A 103 -9.68 -5.08 34.02
CA VAL A 103 -10.33 -5.26 32.72
C VAL A 103 -9.99 -6.61 32.09
N LYS A 104 -8.82 -7.16 32.41
CA LYS A 104 -8.40 -8.44 31.83
C LYS A 104 -8.77 -9.64 32.69
N ASP A 105 -9.29 -9.36 33.89
CA ASP A 105 -9.66 -10.41 34.85
C ASP A 105 -8.51 -11.37 35.14
N SER A 106 -7.28 -10.95 34.83
CA SER A 106 -6.12 -11.83 34.91
C SER A 106 -4.94 -11.20 35.64
N ASP A 107 -4.09 -12.07 36.19
CA ASP A 107 -2.96 -11.65 37.01
C ASP A 107 -1.68 -11.76 36.19
N ASP A 108 -1.82 -12.46 35.07
CA ASP A 108 -0.70 -12.78 34.20
C ASP A 108 -0.85 -12.10 32.86
N VAL A 109 -0.52 -10.82 32.79
CA VAL A 109 -0.68 -10.07 31.56
C VAL A 109 0.66 -9.57 31.10
N PRO A 110 1.04 -9.92 29.86
CA PRO A 110 2.31 -9.52 29.26
C PRO A 110 2.50 -8.02 29.31
N MET A 111 3.36 -7.54 30.20
CA MET A 111 3.74 -6.15 30.13
C MET A 111 5.21 -5.96 30.32
N VAL A 112 5.63 -4.71 30.17
CA VAL A 112 7.00 -4.27 30.23
C VAL A 112 6.92 -2.83 30.68
N LEU A 113 7.50 -2.53 31.85
CA LEU A 113 7.60 -1.15 32.34
C LEU A 113 8.73 -0.43 31.57
N VAL A 114 8.42 0.72 30.96
CA VAL A 114 9.40 1.46 30.17
C VAL A 114 9.68 2.84 30.77
N GLY A 115 10.94 3.12 31.09
CA GLY A 115 11.32 4.40 31.64
C GLY A 115 11.86 5.31 30.57
N ASN A 116 11.00 6.11 29.98
CA ASN A 116 11.41 6.92 28.83
C ASN A 116 12.11 8.24 29.19
N LYS A 117 12.56 8.96 28.17
CA LYS A 117 13.19 10.27 28.33
C LYS A 117 14.51 10.21 29.07
N CYS A 118 15.34 9.20 28.80
CA CYS A 118 16.56 9.04 29.57
C CYS A 118 17.80 9.68 28.93
N ASP A 119 17.57 10.53 27.92
CA ASP A 119 18.66 11.30 27.34
C ASP A 119 18.97 12.59 28.12
N LEU A 120 18.31 12.77 29.27
CA LEU A 120 18.50 13.95 30.11
C LEU A 120 19.07 13.57 31.48
N ALA A 121 19.88 14.45 32.06
CA ALA A 121 20.43 14.17 33.38
C ALA A 121 19.46 14.59 34.49
N ALA A 122 18.36 15.23 34.08
CA ALA A 122 17.36 15.75 35.02
C ALA A 122 16.59 14.68 35.81
N ARG A 123 17.15 13.48 35.93
CA ARG A 123 16.43 12.30 36.45
C ARG A 123 16.01 12.39 37.91
N THR A 124 14.71 12.20 38.14
CA THR A 124 14.09 12.37 39.46
C THR A 124 13.46 11.07 39.99
N VAL A 125 13.26 10.12 39.10
CA VAL A 125 12.87 8.76 39.45
C VAL A 125 14.10 7.89 39.32
N GLU A 126 14.58 7.35 40.43
CA GLU A 126 15.88 6.68 40.39
C GLU A 126 15.74 5.28 39.81
N SER A 127 16.82 4.73 39.28
CA SER A 127 16.76 3.41 38.61
C SER A 127 16.22 2.33 39.54
N ARG A 128 16.77 2.25 40.75
CA ARG A 128 16.30 1.30 41.76
C ARG A 128 14.80 1.36 41.98
N GLN A 129 14.26 2.57 42.17
CA GLN A 129 12.87 2.82 42.56
C GLN A 129 12.01 2.08 41.57
N ALA A 130 12.42 2.21 40.31
CA ALA A 130 11.68 1.72 39.17
C ALA A 130 11.86 0.23 39.00
N GLN A 131 13.09 -0.24 39.15
CA GLN A 131 13.41 -1.64 39.01
C GLN A 131 12.64 -2.45 40.05
N ASP A 132 12.62 -1.94 41.28
CA ASP A 132 12.00 -2.59 42.44
C ASP A 132 10.53 -2.83 42.20
N LEU A 133 9.87 -1.87 41.58
CA LEU A 133 8.47 -2.03 41.19
C LEU A 133 8.32 -3.10 40.11
N ALA A 134 9.20 -3.08 39.11
CA ALA A 134 9.11 -4.02 38.02
C ALA A 134 9.21 -5.44 38.56
N ARG A 135 10.08 -5.65 39.54
CA ARG A 135 10.24 -7.00 40.06
C ARG A 135 9.01 -7.41 40.85
N SER A 136 8.30 -6.42 41.38
CA SER A 136 7.14 -6.71 42.21
C SER A 136 6.02 -7.23 41.33
N TYR A 137 6.02 -6.80 40.06
CA TYR A 137 5.00 -7.19 39.10
C TYR A 137 5.42 -8.42 38.29
N GLY A 138 6.71 -8.75 38.37
CA GLY A 138 7.26 -9.87 37.64
C GLY A 138 7.44 -9.60 36.17
N ILE A 139 7.89 -8.39 35.83
CA ILE A 139 8.05 -7.95 34.44
C ILE A 139 9.37 -7.19 34.27
N PRO A 140 9.98 -7.26 33.07
CA PRO A 140 11.22 -6.54 32.76
C PRO A 140 11.13 -5.02 32.82
N TYR A 141 12.19 -4.34 33.24
CA TYR A 141 12.25 -2.87 33.18
C TYR A 141 13.33 -2.40 32.24
N ILE A 142 12.94 -1.69 31.19
CA ILE A 142 13.86 -1.23 30.16
C ILE A 142 13.81 0.29 30.04
N GLU A 143 14.96 0.96 30.14
CA GLU A 143 14.98 2.44 30.06
C GLU A 143 15.24 2.85 28.63
N THR A 144 14.50 3.84 28.14
CA THR A 144 14.59 4.24 26.74
C THR A 144 14.67 5.74 26.51
N SER A 145 15.08 6.12 25.31
CA SER A 145 14.87 7.46 24.82
C SER A 145 14.29 7.34 23.42
N ALA A 146 13.30 8.16 23.11
CA ALA A 146 12.79 8.25 21.75
C ALA A 146 13.74 9.11 20.92
N LYS A 147 14.35 10.09 21.56
CA LYS A 147 15.18 11.08 20.86
C LYS A 147 16.45 10.47 20.29
N THR A 148 17.03 9.52 21.03
CA THR A 148 18.33 8.93 20.70
C THR A 148 18.23 7.49 20.21
N ARG A 149 17.02 6.93 20.33
CA ARG A 149 16.66 5.59 19.87
C ARG A 149 17.08 4.49 20.85
N GLN A 150 17.87 4.90 21.84
CA GLN A 150 18.39 3.97 22.83
C GLN A 150 17.29 3.22 23.55
N GLY A 151 17.26 1.91 23.34
CA GLY A 151 16.41 1.02 24.08
C GLY A 151 15.05 0.86 23.46
N VAL A 152 14.75 1.66 22.44
CA VAL A 152 13.40 1.64 21.86
C VAL A 152 12.99 0.27 21.28
N GLU A 153 13.85 -0.31 20.46
CA GLU A 153 13.56 -1.61 19.85
C GLU A 153 13.55 -2.66 20.95
N ASP A 154 14.44 -2.48 21.90
CA ASP A 154 14.67 -3.43 22.97
C ASP A 154 13.38 -3.62 23.76
N ALA A 155 12.76 -2.51 24.12
CA ALA A 155 11.55 -2.56 24.92
C ALA A 155 10.35 -3.18 24.15
N PHE A 156 10.14 -2.75 22.91
CA PHE A 156 9.00 -3.23 22.13
C PHE A 156 9.10 -4.71 21.80
N TYR A 157 10.30 -5.20 21.54
CA TYR A 157 10.45 -6.59 21.10
C TYR A 157 10.45 -7.53 22.29
N THR A 158 10.94 -7.06 23.44
CA THR A 158 10.83 -7.78 24.71
C THR A 158 9.37 -8.09 25.02
N LEU A 159 8.48 -7.14 24.70
CA LEU A 159 7.05 -7.37 24.85
C LEU A 159 6.60 -8.52 23.96
N VAL A 160 7.01 -8.50 22.71
CA VAL A 160 6.65 -9.56 21.78
C VAL A 160 7.20 -10.93 22.22
N ARG A 161 8.42 -10.98 22.75
CA ARG A 161 8.97 -12.27 23.19
C ARG A 161 8.09 -12.79 24.34
N GLU A 162 7.50 -11.86 25.08
CA GLU A 162 6.70 -12.18 26.26
C GLU A 162 5.35 -12.74 25.89
N ILE A 163 4.66 -12.04 25.01
CA ILE A 163 3.45 -12.56 24.42
C ILE A 163 3.63 -13.96 23.82
N ARG A 164 4.77 -14.20 23.19
CA ARG A 164 4.95 -15.48 22.52
C ARG A 164 4.94 -16.58 23.56
N GLN A 165 5.87 -16.49 24.50
CA GLN A 165 5.95 -17.48 25.57
C GLN A 165 5.03 -17.06 26.73
N HIS A 166 3.77 -17.50 26.65
CA HIS A 166 2.76 -17.27 27.71
C HIS A 166 1.47 -18.05 27.43
N MET B 1 -5.88 -33.56 -16.92
CA MET B 1 -6.80 -32.49 -17.29
C MET B 1 -6.07 -31.26 -17.85
N THR B 2 -6.40 -30.90 -19.10
CA THR B 2 -5.69 -29.83 -19.77
C THR B 2 -5.94 -28.52 -19.08
N GLU B 3 -4.89 -27.72 -18.90
CA GLU B 3 -5.02 -26.37 -18.38
C GLU B 3 -4.62 -25.39 -19.48
N TYR B 4 -5.48 -24.41 -19.77
CA TYR B 4 -5.17 -23.41 -20.79
C TYR B 4 -4.78 -22.10 -20.14
N LYS B 5 -3.58 -21.58 -20.44
CA LYS B 5 -3.16 -20.32 -19.84
C LYS B 5 -3.49 -19.15 -20.74
N LEU B 6 -4.52 -18.37 -20.41
CA LEU B 6 -4.96 -17.26 -21.27
C LEU B 6 -4.46 -15.90 -20.79
N VAL B 7 -4.05 -15.02 -21.71
CA VAL B 7 -3.62 -13.65 -21.33
C VAL B 7 -4.52 -12.56 -21.93
N VAL B 8 -5.00 -11.64 -21.11
CA VAL B 8 -5.84 -10.56 -21.62
C VAL B 8 -5.05 -9.27 -21.78
N VAL B 9 -4.82 -8.89 -23.03
CA VAL B 9 -4.10 -7.65 -23.34
C VAL B 9 -5.01 -6.60 -23.96
N GLY B 10 -4.58 -5.35 -23.89
CA GLY B 10 -5.36 -4.27 -24.46
C GLY B 10 -5.10 -2.97 -23.76
N ALA B 11 -5.63 -1.91 -24.34
CA ALA B 11 -5.42 -0.56 -23.85
C ALA B 11 -6.11 -0.34 -22.51
N GLY B 12 -5.46 0.42 -21.65
CA GLY B 12 -5.92 0.51 -20.28
C GLY B 12 -7.05 1.48 -20.13
N GLY B 13 -7.74 1.42 -19.00
CA GLY B 13 -8.73 2.43 -18.65
C GLY B 13 -9.90 2.55 -19.62
N VAL B 14 -10.46 1.41 -20.01
CA VAL B 14 -11.61 1.33 -20.88
C VAL B 14 -12.45 0.11 -20.53
N GLY B 15 -12.47 -0.24 -19.24
CA GLY B 15 -13.18 -1.44 -18.79
C GLY B 15 -12.59 -2.74 -19.29
N LYS B 16 -11.28 -2.75 -19.52
CA LYS B 16 -10.57 -3.96 -19.92
C LYS B 16 -10.78 -5.08 -18.88
N SER B 17 -10.72 -4.70 -17.60
CA SER B 17 -10.65 -5.64 -16.48
C SER B 17 -11.96 -6.32 -16.17
N ALA B 18 -13.03 -5.80 -16.77
CA ALA B 18 -14.37 -6.26 -16.45
C ALA B 18 -14.68 -7.52 -17.22
N LEU B 19 -13.84 -7.82 -18.20
CA LEU B 19 -14.01 -9.00 -19.03
C LEU B 19 -13.79 -10.25 -18.20
N THR B 20 -12.68 -10.25 -17.49
CA THR B 20 -12.24 -11.39 -16.70
C THR B 20 -13.11 -11.58 -15.48
N ILE B 21 -13.37 -10.48 -14.79
CA ILE B 21 -14.14 -10.51 -13.56
C ILE B 21 -15.54 -11.06 -13.78
N GLN B 22 -16.20 -10.59 -14.83
CA GLN B 22 -17.57 -11.03 -15.11
C GLN B 22 -17.59 -12.51 -15.46
N LEU B 23 -16.44 -13.05 -15.87
CA LEU B 23 -16.38 -14.44 -16.25
C LEU B 23 -16.34 -15.29 -15.03
N ILE B 24 -15.36 -15.00 -14.17
CA ILE B 24 -15.11 -15.75 -12.93
C ILE B 24 -16.32 -15.72 -12.00
N GLN B 25 -16.59 -14.60 -11.33
CA GLN B 25 -17.77 -14.52 -10.47
C GLN B 25 -19.04 -14.78 -11.28
N ASN B 26 -19.89 -15.67 -10.78
CA ASN B 26 -21.13 -16.04 -11.47
C ASN B 26 -22.09 -14.86 -11.73
N HIS B 27 -21.56 -13.62 -11.66
CA HIS B 27 -22.31 -12.35 -11.56
C HIS B 27 -23.58 -12.34 -10.66
N PHE B 28 -23.51 -13.05 -9.54
CA PHE B 28 -24.61 -13.14 -8.60
C PHE B 28 -24.16 -12.68 -7.20
N VAL B 29 -22.87 -12.88 -6.90
CA VAL B 29 -22.32 -12.50 -5.58
C VAL B 29 -21.95 -10.99 -5.47
N ASP B 30 -22.14 -10.44 -4.26
CA ASP B 30 -21.70 -9.09 -3.86
C ASP B 30 -20.19 -9.08 -3.65
N GLU B 31 -19.76 -9.73 -2.57
N GLU B 31 -19.76 -9.74 -2.58
CA GLU B 31 -18.36 -9.78 -2.17
CA GLU B 31 -18.36 -9.79 -2.18
C GLU B 31 -17.45 -10.41 -3.24
C GLU B 31 -17.46 -10.41 -3.25
N TYR B 32 -16.76 -9.54 -4.00
CA TYR B 32 -15.72 -9.97 -4.97
C TYR B 32 -14.35 -9.54 -4.47
N ASP B 33 -13.34 -10.39 -4.65
CA ASP B 33 -12.02 -10.13 -4.10
C ASP B 33 -10.88 -10.73 -4.92
N PRO B 34 -10.05 -9.87 -5.53
CA PRO B 34 -8.93 -10.27 -6.39
C PRO B 34 -7.70 -10.70 -5.60
N THR B 35 -7.54 -10.17 -4.38
CA THR B 35 -6.60 -10.66 -3.37
C THR B 35 -6.61 -12.17 -3.35
N ILE B 36 -7.82 -12.73 -3.26
CA ILE B 36 -8.04 -14.17 -3.23
C ILE B 36 -7.41 -14.83 -4.43
N GLU B 37 -6.47 -15.73 -4.14
CA GLU B 37 -5.78 -16.49 -5.17
C GLU B 37 -6.65 -17.67 -5.57
N ASP B 38 -6.57 -18.03 -6.85
CA ASP B 38 -7.52 -18.93 -7.50
C ASP B 38 -8.91 -18.25 -7.64
N SER B 39 -8.93 -16.92 -7.62
CA SER B 39 -10.08 -16.14 -8.11
C SER B 39 -9.77 -15.73 -9.56
N TYR B 40 -8.82 -16.45 -10.15
CA TYR B 40 -8.39 -16.30 -11.55
C TYR B 40 -8.11 -17.67 -12.21
N ARG B 41 -8.22 -18.77 -11.45
CA ARG B 41 -8.34 -20.13 -12.01
C ARG B 41 -9.83 -20.39 -12.09
N LYS B 42 -10.32 -20.94 -13.21
CA LYS B 42 -11.74 -21.31 -13.35
C LYS B 42 -11.92 -22.57 -14.18
N GLN B 43 -12.62 -23.56 -13.63
CA GLN B 43 -12.86 -24.82 -14.33
C GLN B 43 -14.14 -24.75 -15.14
N VAL B 44 -14.07 -25.17 -16.40
CA VAL B 44 -15.25 -25.10 -17.27
C VAL B 44 -15.29 -26.28 -18.20
N VAL B 45 -16.49 -26.53 -18.72
CA VAL B 45 -16.68 -27.53 -19.76
C VAL B 45 -16.89 -26.89 -21.11
N ILE B 46 -15.94 -27.12 -22.01
CA ILE B 46 -15.96 -26.53 -23.32
C ILE B 46 -16.01 -27.65 -24.36
N ASP B 47 -17.10 -27.67 -25.13
CA ASP B 47 -17.33 -28.66 -26.19
C ASP B 47 -17.25 -30.10 -25.67
N GLY B 48 -17.59 -30.32 -24.41
CA GLY B 48 -17.57 -31.67 -23.87
C GLY B 48 -16.35 -32.07 -23.04
N GLU B 49 -15.16 -31.72 -23.51
CA GLU B 49 -13.95 -31.96 -22.71
C GLU B 49 -13.84 -30.88 -21.61
N THR B 50 -13.62 -31.31 -20.36
CA THR B 50 -13.43 -30.41 -19.22
C THR B 50 -12.00 -29.91 -19.16
N CYS B 51 -11.86 -28.61 -18.96
CA CYS B 51 -10.54 -28.04 -18.87
C CYS B 51 -10.51 -26.91 -17.87
N LEU B 52 -9.31 -26.50 -17.54
CA LEU B 52 -9.10 -25.51 -16.53
C LEU B 52 -8.52 -24.26 -17.22
N LEU B 53 -9.25 -23.15 -17.11
CA LEU B 53 -8.83 -21.82 -17.58
C LEU B 53 -7.96 -21.16 -16.53
N ASP B 54 -6.86 -20.52 -16.93
CA ASP B 54 -6.08 -19.71 -15.99
C ASP B 54 -5.80 -18.34 -16.58
N ILE B 55 -6.51 -17.33 -16.09
CA ILE B 55 -6.54 -16.04 -16.76
C ILE B 55 -5.68 -14.96 -16.09
N LEU B 56 -4.77 -14.39 -16.86
CA LEU B 56 -3.93 -13.30 -16.40
C LEU B 56 -4.51 -11.97 -16.85
N ASP B 57 -5.00 -11.16 -15.91
CA ASP B 57 -5.40 -9.79 -16.28
C ASP B 57 -4.60 -8.73 -15.51
N THR B 58 -3.70 -8.05 -16.22
CA THR B 58 -2.78 -7.09 -15.62
C THR B 58 -3.29 -5.64 -15.61
N ALA B 59 -4.61 -5.49 -15.54
CA ALA B 59 -5.27 -4.20 -15.62
C ALA B 59 -4.67 -3.26 -14.59
N GLY B 60 -4.46 -2.01 -14.95
CA GLY B 60 -3.82 -1.05 -14.06
C GLY B 60 -2.31 -0.90 -14.24
N GLN B 61 -1.64 -1.96 -14.70
CA GLN B 61 -0.17 -1.95 -14.83
C GLN B 61 0.29 -1.51 -16.20
N GLU B 62 -0.57 -0.79 -16.91
CA GLU B 62 -0.36 -0.54 -18.31
C GLU B 62 0.79 0.43 -18.58
N GLU B 63 1.13 1.22 -17.57
CA GLU B 63 2.27 2.12 -17.68
C GLU B 63 3.60 1.40 -17.55
N TYR B 64 3.59 0.26 -16.85
CA TYR B 64 4.72 -0.66 -16.78
C TYR B 64 4.76 -1.31 -18.14
N SER B 65 5.23 -0.58 -19.16
CA SER B 65 5.16 -1.05 -20.55
C SER B 65 6.41 -1.87 -20.96
N ALA B 66 7.35 -1.97 -20.02
CA ALA B 66 8.58 -2.72 -20.17
C ALA B 66 8.24 -4.18 -20.05
N MET B 67 7.25 -4.40 -19.20
CA MET B 67 6.88 -5.71 -18.68
C MET B 67 5.87 -6.40 -19.57
N ARG B 68 5.45 -5.73 -20.62
CA ARG B 68 4.51 -6.35 -21.53
C ARG B 68 5.12 -7.63 -22.13
N ASP B 69 6.40 -7.61 -22.42
CA ASP B 69 7.11 -8.77 -22.96
C ASP B 69 7.09 -9.91 -21.95
N GLN B 70 7.48 -9.62 -20.71
CA GLN B 70 7.48 -10.63 -19.62
C GLN B 70 6.13 -11.28 -19.39
N TYR B 71 5.08 -10.46 -19.32
CA TYR B 71 3.70 -10.93 -19.10
C TYR B 71 3.11 -11.72 -20.25
N MET B 72 3.28 -11.21 -21.46
CA MET B 72 2.74 -11.88 -22.65
C MET B 72 3.36 -13.25 -22.85
N ARG B 73 4.67 -13.37 -22.58
CA ARG B 73 5.36 -14.61 -22.90
C ARG B 73 4.67 -15.80 -22.24
N THR B 74 4.00 -15.55 -21.13
CA THR B 74 3.36 -16.60 -20.36
C THR B 74 2.07 -17.20 -20.96
N GLY B 75 1.66 -16.81 -22.15
CA GLY B 75 0.35 -17.20 -22.65
C GLY B 75 0.26 -18.23 -23.76
N GLU B 76 -0.77 -19.09 -23.71
CA GLU B 76 -1.06 -20.06 -24.76
C GLU B 76 -1.98 -19.39 -25.75
N GLY B 77 -2.94 -18.62 -25.24
CA GLY B 77 -3.90 -17.93 -26.07
C GLY B 77 -4.02 -16.48 -25.64
N PHE B 78 -4.49 -15.61 -26.53
CA PHE B 78 -4.55 -14.21 -26.20
C PHE B 78 -5.90 -13.64 -26.51
N LEU B 79 -6.27 -12.62 -25.77
CA LEU B 79 -7.58 -12.00 -25.91
C LEU B 79 -7.33 -10.49 -25.98
N CYS B 80 -7.47 -9.89 -27.17
CA CYS B 80 -7.20 -8.45 -27.35
C CYS B 80 -8.45 -7.58 -27.20
N VAL B 81 -8.47 -6.74 -26.18
CA VAL B 81 -9.66 -5.96 -25.88
C VAL B 81 -9.51 -4.50 -26.29
N PHE B 82 -10.56 -3.96 -26.90
CA PHE B 82 -10.66 -2.53 -27.16
C PHE B 82 -12.06 -2.10 -26.75
N ALA B 83 -12.24 -0.87 -26.28
CA ALA B 83 -13.60 -0.40 -26.01
C ALA B 83 -14.23 0.15 -27.27
N ILE B 84 -15.53 -0.04 -27.44
CA ILE B 84 -16.20 0.31 -28.68
C ILE B 84 -16.49 1.80 -28.76
N ASN B 85 -16.28 2.50 -27.64
CA ASN B 85 -16.55 3.93 -27.55
C ASN B 85 -15.26 4.74 -27.55
N ASN B 86 -14.15 4.03 -27.62
CA ASN B 86 -12.84 4.65 -27.63
C ASN B 86 -12.04 4.28 -28.86
N THR B 87 -12.05 5.17 -29.86
CA THR B 87 -11.49 4.83 -31.15
C THR B 87 -10.01 4.51 -31.05
N LYS B 88 -9.31 5.13 -30.11
CA LYS B 88 -7.86 4.92 -29.99
C LYS B 88 -7.57 3.52 -29.51
N SER B 89 -8.25 3.12 -28.44
CA SER B 89 -8.07 1.79 -27.83
C SER B 89 -8.21 0.67 -28.85
N PHE B 90 -8.80 1.00 -29.99
CA PHE B 90 -9.01 0.07 -31.07
C PHE B 90 -7.89 0.15 -32.07
N GLU B 91 -7.49 1.37 -32.44
CA GLU B 91 -6.40 1.50 -33.40
C GLU B 91 -5.08 0.98 -32.81
N ASP B 92 -5.03 0.95 -31.48
CA ASP B 92 -3.93 0.38 -30.71
C ASP B 92 -3.78 -1.11 -30.94
N ILE B 93 -4.88 -1.75 -31.29
CA ILE B 93 -4.91 -3.21 -31.40
C ILE B 93 -3.84 -3.66 -32.36
N HIS B 94 -3.60 -2.89 -33.42
CA HIS B 94 -2.60 -3.33 -34.37
C HIS B 94 -1.30 -3.63 -33.66
N GLN B 95 -0.87 -2.67 -32.87
CA GLN B 95 0.37 -2.75 -32.12
C GLN B 95 0.47 -3.96 -31.22
N TYR B 96 -0.57 -4.24 -30.46
CA TYR B 96 -0.54 -5.34 -29.51
C TYR B 96 -0.36 -6.66 -30.22
N ARG B 97 -0.93 -6.80 -31.41
CA ARG B 97 -0.82 -8.06 -32.14
C ARG B 97 0.63 -8.29 -32.46
N GLU B 98 1.30 -7.26 -32.97
CA GLU B 98 2.68 -7.42 -33.41
C GLU B 98 3.60 -7.69 -32.23
N GLN B 99 3.27 -7.16 -31.06
CA GLN B 99 4.08 -7.47 -29.88
C GLN B 99 3.93 -8.93 -29.56
N ILE B 100 2.69 -9.40 -29.40
CA ILE B 100 2.42 -10.83 -29.19
C ILE B 100 3.13 -11.71 -30.22
N LYS B 101 2.84 -11.45 -31.50
CA LYS B 101 3.45 -12.18 -32.60
C LYS B 101 4.96 -12.28 -32.38
N ARG B 102 5.59 -11.17 -31.97
CA ARG B 102 7.05 -11.17 -31.77
C ARG B 102 7.51 -11.84 -30.49
N VAL B 103 6.79 -11.69 -29.40
CA VAL B 103 7.20 -12.27 -28.12
C VAL B 103 7.11 -13.78 -28.14
N LYS B 104 6.15 -14.32 -28.89
CA LYS B 104 6.01 -15.78 -29.08
C LYS B 104 6.95 -16.38 -30.17
N ASP B 105 7.50 -15.52 -31.03
CA ASP B 105 8.06 -15.94 -32.31
C ASP B 105 7.09 -16.87 -33.03
N SER B 106 6.06 -16.27 -33.63
CA SER B 106 5.13 -16.98 -34.46
C SER B 106 4.47 -16.05 -35.47
N ASP B 107 3.57 -16.59 -36.27
CA ASP B 107 2.85 -15.83 -37.27
C ASP B 107 1.41 -16.25 -37.08
N ASP B 108 1.25 -17.39 -36.41
CA ASP B 108 -0.03 -18.03 -36.13
C ASP B 108 -0.20 -18.27 -34.62
N VAL B 109 -0.36 -17.19 -33.86
CA VAL B 109 -0.72 -17.30 -32.45
C VAL B 109 -2.26 -17.36 -32.37
N PRO B 110 -2.78 -18.26 -31.51
CA PRO B 110 -4.23 -18.34 -31.24
C PRO B 110 -4.69 -17.12 -30.50
N MET B 111 -5.56 -16.33 -31.09
CA MET B 111 -6.08 -15.16 -30.38
C MET B 111 -7.42 -14.69 -30.92
N VAL B 112 -8.08 -13.81 -30.16
CA VAL B 112 -9.45 -13.39 -30.43
C VAL B 112 -9.63 -11.89 -30.16
N LEU B 113 -10.27 -11.17 -31.08
CA LEU B 113 -10.55 -9.74 -30.89
C LEU B 113 -11.88 -9.50 -30.17
N VAL B 114 -11.88 -8.68 -29.14
CA VAL B 114 -13.06 -8.49 -28.31
C VAL B 114 -13.46 -7.03 -28.20
N GLY B 115 -14.57 -6.65 -28.82
CA GLY B 115 -15.11 -5.31 -28.66
C GLY B 115 -15.88 -5.26 -27.36
N ASN B 116 -15.52 -4.36 -26.47
CA ASN B 116 -16.17 -4.33 -25.18
C ASN B 116 -16.98 -3.06 -24.98
N LYS B 117 -18.28 -3.23 -24.74
CA LYS B 117 -19.15 -2.11 -24.42
C LYS B 117 -19.13 -1.94 -22.91
N CYS B 118 -18.46 -0.90 -22.43
CA CYS B 118 -18.22 -0.76 -20.97
C CYS B 118 -19.23 0.10 -20.22
N ASP B 119 -19.65 1.20 -20.81
CA ASP B 119 -20.70 2.03 -20.21
C ASP B 119 -21.88 2.16 -21.17
N LEU B 120 -22.37 3.39 -21.32
CA LEU B 120 -23.48 3.65 -22.21
C LEU B 120 -23.22 4.82 -23.17
N ALA B 121 -21.94 5.21 -23.32
CA ALA B 121 -21.54 6.27 -24.26
C ALA B 121 -21.57 5.82 -25.72
N ALA B 122 -21.44 6.78 -26.61
CA ALA B 122 -21.64 6.55 -28.03
C ALA B 122 -20.61 5.62 -28.65
N ARG B 123 -21.06 4.51 -29.24
CA ARG B 123 -20.17 3.63 -29.98
C ARG B 123 -19.52 4.38 -31.14
N THR B 124 -18.18 4.33 -31.21
CA THR B 124 -17.44 5.01 -32.27
C THR B 124 -16.58 4.08 -33.14
N VAL B 125 -16.65 2.79 -32.85
CA VAL B 125 -16.04 1.75 -33.67
C VAL B 125 -17.17 0.83 -34.11
N GLU B 126 -17.46 0.76 -35.40
CA GLU B 126 -18.62 -0.02 -35.81
C GLU B 126 -18.44 -1.53 -35.79
N SER B 127 -19.56 -2.24 -35.62
CA SER B 127 -19.58 -3.70 -35.66
C SER B 127 -18.76 -4.07 -36.86
N ARG B 128 -19.09 -3.45 -37.98
CA ARG B 128 -18.47 -3.77 -39.25
C ARG B 128 -16.95 -3.55 -39.34
N GLN B 129 -16.44 -2.50 -38.72
CA GLN B 129 -15.00 -2.18 -38.86
C GLN B 129 -14.17 -3.19 -38.13
N ALA B 130 -14.64 -3.55 -36.95
CA ALA B 130 -13.97 -4.52 -36.11
C ALA B 130 -14.13 -5.88 -36.78
N GLN B 131 -15.29 -6.13 -37.35
CA GLN B 131 -15.53 -7.36 -38.10
C GLN B 131 -14.45 -7.54 -39.17
N ASP B 132 -14.31 -6.55 -40.04
CA ASP B 132 -13.31 -6.53 -41.12
C ASP B 132 -11.85 -6.59 -40.66
N LEU B 133 -11.50 -5.79 -39.66
CA LEU B 133 -10.17 -5.84 -39.10
C LEU B 133 -9.81 -7.26 -38.67
N ALA B 134 -10.70 -7.90 -37.94
CA ALA B 134 -10.43 -9.26 -37.47
C ALA B 134 -10.34 -10.22 -38.63
N ARG B 135 -11.15 -10.00 -39.66
CA ARG B 135 -11.10 -10.84 -40.86
C ARG B 135 -9.75 -10.80 -41.51
N SER B 136 -9.25 -9.59 -41.70
CA SER B 136 -7.90 -9.40 -42.24
C SER B 136 -6.83 -10.21 -41.45
N TYR B 137 -7.04 -10.43 -40.16
CA TYR B 137 -6.04 -11.11 -39.33
C TYR B 137 -6.15 -12.64 -39.32
N GLY B 138 -7.38 -13.16 -39.33
CA GLY B 138 -7.57 -14.59 -39.36
C GLY B 138 -8.05 -15.09 -38.02
N ILE B 139 -8.59 -14.14 -37.25
CA ILE B 139 -9.05 -14.40 -35.89
C ILE B 139 -10.53 -14.05 -35.73
N PRO B 140 -11.21 -14.69 -34.77
CA PRO B 140 -12.63 -14.36 -34.57
C PRO B 140 -12.81 -12.98 -33.96
N TYR B 141 -14.03 -12.45 -34.00
CA TYR B 141 -14.32 -11.23 -33.28
C TYR B 141 -15.58 -11.44 -32.46
N ILE B 142 -15.49 -11.16 -31.15
CA ILE B 142 -16.63 -11.19 -30.24
C ILE B 142 -16.92 -9.80 -29.63
N GLU B 143 -18.18 -9.41 -29.56
CA GLU B 143 -18.59 -8.20 -28.87
C GLU B 143 -19.25 -8.63 -27.54
N THR B 144 -18.96 -7.90 -26.46
CA THR B 144 -19.38 -8.27 -25.11
C THR B 144 -19.95 -7.07 -24.42
N SER B 145 -20.80 -7.28 -23.43
CA SER B 145 -21.24 -6.19 -22.57
C SER B 145 -20.65 -6.34 -21.17
N ALA B 146 -20.16 -5.24 -20.64
CA ALA B 146 -19.65 -5.22 -19.28
C ALA B 146 -20.82 -5.00 -18.31
N LYS B 147 -21.95 -4.54 -18.84
CA LYS B 147 -23.13 -4.40 -18.00
C LYS B 147 -23.79 -5.76 -17.80
N THR B 148 -24.23 -6.36 -18.88
CA THR B 148 -25.18 -7.47 -18.85
C THR B 148 -24.54 -8.85 -18.97
N ARG B 149 -23.23 -8.89 -18.89
CA ARG B 149 -22.49 -10.13 -19.06
C ARG B 149 -22.83 -10.86 -20.35
N GLN B 150 -23.25 -10.11 -21.37
CA GLN B 150 -23.55 -10.72 -22.65
C GLN B 150 -22.29 -11.08 -23.41
N GLY B 151 -22.23 -12.33 -23.85
CA GLY B 151 -21.13 -12.76 -24.68
C GLY B 151 -19.78 -12.71 -24.00
N VAL B 152 -19.77 -12.78 -22.68
CA VAL B 152 -18.49 -12.84 -22.00
C VAL B 152 -17.90 -14.22 -22.16
N GLU B 153 -18.63 -15.26 -21.80
CA GLU B 153 -18.16 -16.65 -21.97
C GLU B 153 -17.98 -16.99 -23.43
N ASP B 154 -18.84 -16.39 -24.24
CA ASP B 154 -18.77 -16.51 -25.67
C ASP B 154 -17.37 -16.19 -26.20
N ALA B 155 -16.67 -15.27 -25.54
CA ALA B 155 -15.37 -14.84 -26.03
C ALA B 155 -14.19 -15.62 -25.46
N PHE B 156 -14.36 -16.20 -24.28
CA PHE B 156 -13.30 -17.01 -23.70
C PHE B 156 -13.36 -18.42 -24.24
N TYR B 157 -14.54 -18.89 -24.60
CA TYR B 157 -14.63 -20.26 -25.06
C TYR B 157 -14.09 -20.28 -26.47
N THR B 158 -14.35 -19.19 -27.18
CA THR B 158 -13.90 -19.06 -28.55
C THR B 158 -12.39 -19.07 -28.59
N LEU B 159 -11.77 -18.50 -27.58
CA LEU B 159 -10.32 -18.49 -27.52
C LEU B 159 -9.77 -19.88 -27.24
N VAL B 160 -10.46 -20.63 -26.38
CA VAL B 160 -10.07 -22.01 -26.11
C VAL B 160 -10.20 -22.85 -27.39
N ARG B 161 -11.30 -22.64 -28.12
CA ARG B 161 -11.44 -23.32 -29.40
C ARG B 161 -10.27 -23.00 -30.32
N GLU B 162 -9.88 -21.73 -30.40
N GLU B 162 -9.87 -21.73 -30.40
CA GLU B 162 -8.77 -21.32 -31.29
CA GLU B 162 -8.79 -21.33 -31.30
C GLU B 162 -7.43 -21.91 -30.88
C GLU B 162 -7.43 -21.91 -30.88
N ILE B 163 -7.31 -22.34 -29.62
CA ILE B 163 -6.08 -22.98 -29.14
C ILE B 163 -6.07 -24.48 -29.49
N ARG B 164 -7.23 -25.11 -29.39
CA ARG B 164 -7.36 -26.51 -29.77
C ARG B 164 -7.24 -26.65 -31.28
N GLN B 165 -8.00 -25.84 -32.01
CA GLN B 165 -8.02 -25.89 -33.47
C GLN B 165 -6.87 -25.10 -34.09
N HIS B 166 -5.77 -24.97 -33.35
CA HIS B 166 -4.55 -24.39 -33.89
C HIS B 166 -3.62 -25.52 -34.32
N GLN C 1 -27.90 8.27 22.58
CA GLN C 1 -29.09 7.50 22.92
C GLN C 1 -28.92 5.99 22.58
N MET C 2 -28.33 5.14 23.44
CA MET C 2 -27.96 5.33 24.89
C MET C 2 -28.98 5.91 25.98
N ARG C 3 -29.14 7.24 26.13
CA ARG C 3 -30.01 7.79 27.22
C ARG C 3 -30.55 9.25 27.10
N LEU C 4 -31.75 9.49 27.66
CA LEU C 4 -32.22 10.81 28.21
C LEU C 4 -32.89 11.97 27.39
N PRO C 5 -32.14 12.78 26.61
CA PRO C 5 -32.88 13.85 25.91
C PRO C 5 -33.68 13.39 24.67
N SER C 6 -34.69 14.19 24.28
CA SER C 6 -35.60 13.85 23.18
C SER C 6 -34.89 13.58 21.82
N ALA C 7 -34.99 12.35 21.34
CA ALA C 7 -34.29 11.91 20.13
C ALA C 7 -34.63 12.68 18.82
N ASP C 8 -35.67 13.52 18.86
CA ASP C 8 -36.21 14.21 17.67
C ASP C 8 -35.19 15.11 16.94
N VAL C 9 -34.60 16.03 17.71
CA VAL C 9 -33.68 17.07 17.22
C VAL C 9 -32.35 16.51 16.65
N TYR C 10 -31.78 15.54 17.35
CA TYR C 10 -30.48 14.96 17.02
C TYR C 10 -30.59 13.85 15.98
N ARG C 11 -29.99 14.09 14.81
CA ARG C 11 -30.07 13.13 13.71
C ARG C 11 -29.44 11.77 13.97
N PHE C 12 -28.55 11.69 14.95
CA PHE C 12 -27.77 10.46 15.15
C PHE C 12 -28.32 9.64 16.30
N ALA C 13 -29.54 9.95 16.71
CA ALA C 13 -30.22 9.10 17.68
C ALA C 13 -31.20 8.23 16.92
N GLU C 14 -31.04 8.21 15.60
CA GLU C 14 -31.70 7.22 14.78
C GLU C 14 -31.32 5.87 15.36
N PRO C 15 -32.32 5.02 15.61
CA PRO C 15 -32.10 3.64 16.09
C PRO C 15 -31.57 2.73 14.97
N ASP C 16 -30.83 1.69 15.30
CA ASP C 16 -30.19 0.89 14.26
C ASP C 16 -31.12 -0.15 13.68
N SER C 17 -31.44 -0.05 12.40
CA SER C 17 -32.32 -1.05 11.80
C SER C 17 -31.75 -1.76 10.58
N GLU C 18 -32.41 -2.82 10.14
CA GLU C 18 -31.97 -3.54 8.96
C GLU C 18 -32.02 -2.61 7.74
N GLU C 19 -32.66 -1.45 7.89
CA GLU C 19 -32.76 -0.50 6.79
C GLU C 19 -31.70 0.61 6.80
N ASN C 20 -30.80 0.58 7.78
CA ASN C 20 -29.75 1.60 7.82
C ASN C 20 -28.35 1.17 8.27
N ILE C 21 -28.20 0.00 8.85
CA ILE C 21 -26.87 -0.54 9.00
C ILE C 21 -26.93 -2.03 8.77
N ILE C 22 -25.88 -2.58 8.14
CA ILE C 22 -25.73 -4.04 7.96
C ILE C 22 -24.38 -4.49 8.47
N PHE C 23 -24.35 -5.53 9.29
CA PHE C 23 -23.10 -5.96 9.90
C PHE C 23 -22.41 -7.10 9.15
N GLU C 24 -21.47 -7.82 9.77
CA GLU C 24 -20.84 -8.94 9.07
C GLU C 24 -20.27 -10.01 10.00
N GLU C 25 -20.46 -11.28 9.64
CA GLU C 25 -19.89 -12.44 10.37
C GLU C 25 -19.99 -12.32 11.89
N GLY C 32 -12.91 -7.40 19.65
CA GLY C 32 -14.12 -8.09 19.26
C GLY C 32 -15.25 -7.16 18.84
N ILE C 33 -14.87 -6.00 18.29
CA ILE C 33 -15.77 -4.98 17.73
C ILE C 33 -16.72 -5.56 16.66
N PRO C 34 -17.60 -4.73 16.08
CA PRO C 34 -18.27 -5.22 14.87
C PRO C 34 -17.73 -4.60 13.58
N ILE C 35 -17.81 -5.33 12.48
CA ILE C 35 -17.35 -4.84 11.19
C ILE C 35 -18.53 -4.55 10.25
N ILE C 36 -18.51 -3.37 9.65
CA ILE C 36 -19.66 -2.90 8.91
C ILE C 36 -19.65 -3.27 7.44
N LYS C 37 -20.63 -4.07 7.01
CA LYS C 37 -20.78 -4.37 5.60
C LYS C 37 -21.32 -3.16 4.84
N ALA C 38 -22.47 -2.63 5.24
CA ALA C 38 -23.00 -1.44 4.58
C ALA C 38 -23.82 -0.60 5.55
N GLY C 39 -24.30 0.55 5.09
CA GLY C 39 -25.14 1.38 5.92
C GLY C 39 -25.25 2.78 5.35
N THR C 40 -26.25 3.54 5.78
CA THR C 40 -26.47 4.90 5.29
C THR C 40 -25.33 5.82 5.66
N VAL C 41 -25.26 6.97 5.00
CA VAL C 41 -24.15 7.89 5.27
C VAL C 41 -24.12 8.36 6.71
N ILE C 42 -25.28 8.70 7.26
CA ILE C 42 -25.40 9.08 8.67
C ILE C 42 -24.89 7.99 9.61
N LYS C 43 -25.39 6.77 9.41
CA LYS C 43 -25.08 5.64 10.28
C LYS C 43 -23.59 5.31 10.23
N LEU C 44 -22.97 5.62 9.10
CA LEU C 44 -21.55 5.39 8.91
C LEU C 44 -20.72 6.38 9.72
N ILE C 45 -21.21 7.61 9.83
CA ILE C 45 -20.48 8.64 10.55
C ILE C 45 -20.72 8.47 12.03
N GLU C 46 -21.93 8.02 12.38
CA GLU C 46 -22.27 7.71 13.76
C GLU C 46 -21.27 6.69 14.29
N ARG C 47 -20.92 5.70 13.48
CA ARG C 47 -20.00 4.66 13.93
C ARG C 47 -18.52 5.09 13.91
N LEU C 48 -18.23 5.99 12.98
CA LEU C 48 -16.90 6.56 12.85
C LEU C 48 -16.52 7.29 14.13
N THR C 49 -17.56 7.71 14.86
CA THR C 49 -17.40 8.42 16.12
C THR C 49 -18.31 7.86 17.18
N TYR C 50 -18.39 6.54 17.24
CA TYR C 50 -19.24 5.86 18.20
C TYR C 50 -18.73 6.10 19.60
N HIS C 51 -19.64 6.04 20.57
CA HIS C 51 -19.33 6.43 21.93
C HIS C 51 -18.82 5.25 22.73
N MET C 52 -18.97 4.04 22.17
CA MET C 52 -18.57 2.85 22.93
C MET C 52 -17.11 2.45 22.77
N TYR C 53 -16.65 2.36 21.54
CA TYR C 53 -15.28 1.98 21.33
C TYR C 53 -14.70 2.91 20.31
N ALA C 54 -13.41 3.21 20.40
CA ALA C 54 -12.80 3.84 19.24
C ALA C 54 -12.15 2.74 18.43
N ASP C 55 -12.52 2.64 17.16
CA ASP C 55 -11.79 1.82 16.23
C ASP C 55 -10.99 2.75 15.32
N PRO C 56 -9.64 2.76 15.46
CA PRO C 56 -8.87 3.80 14.78
C PRO C 56 -8.56 3.38 13.35
N ASN C 57 -8.61 2.08 13.07
CA ASN C 57 -8.49 1.61 11.71
C ASN C 57 -9.70 2.07 10.87
N PHE C 58 -10.87 2.12 11.48
CA PHE C 58 -12.09 2.51 10.79
C PHE C 58 -11.98 3.96 10.38
N VAL C 59 -11.27 4.77 11.16
CA VAL C 59 -11.12 6.15 10.78
C VAL C 59 -10.29 6.26 9.51
N ARG C 60 -9.15 5.57 9.49
CA ARG C 60 -8.28 5.60 8.31
C ARG C 60 -8.99 5.02 7.08
N THR C 61 -9.72 3.92 7.23
CA THR C 61 -10.48 3.39 6.11
C THR C 61 -11.44 4.42 5.55
N PHE C 62 -12.02 5.23 6.42
CA PHE C 62 -13.03 6.19 6.01
C PHE C 62 -12.40 7.41 5.31
N LEU C 63 -11.53 8.12 5.99
CA LEU C 63 -10.86 9.26 5.38
C LEU C 63 -10.02 8.94 4.11
N THR C 64 -9.59 7.68 3.96
CA THR C 64 -8.88 7.26 2.76
C THR C 64 -9.86 7.24 1.58
N THR C 65 -11.05 6.71 1.84
CA THR C 65 -11.95 6.32 0.76
C THR C 65 -13.28 7.07 0.61
N TYR C 66 -13.64 7.93 1.57
CA TYR C 66 -15.02 8.47 1.68
C TYR C 66 -15.51 9.24 0.49
N ARG C 67 -14.58 9.75 -0.31
CA ARG C 67 -14.87 10.68 -1.37
C ARG C 67 -15.77 10.10 -2.46
N SER C 68 -15.84 8.77 -2.55
CA SER C 68 -16.63 8.10 -3.57
C SER C 68 -18.14 8.04 -3.27
N PHE C 69 -18.52 8.42 -2.05
CA PHE C 69 -19.91 8.38 -1.65
C PHE C 69 -20.36 9.60 -0.88
N CYS C 70 -19.50 10.60 -0.79
CA CYS C 70 -19.82 11.81 -0.04
C CYS C 70 -18.77 12.91 -0.22
N LYS C 71 -19.22 14.13 -0.52
CA LYS C 71 -18.29 15.23 -0.85
C LYS C 71 -17.68 15.86 0.41
N PRO C 72 -16.43 16.30 0.33
CA PRO C 72 -15.74 16.87 1.50
C PRO C 72 -16.54 17.94 2.24
N GLN C 73 -17.20 18.83 1.51
CA GLN C 73 -17.97 19.89 2.15
C GLN C 73 -19.06 19.28 3.01
N GLU C 74 -19.69 18.24 2.47
CA GLU C 74 -20.83 17.57 3.09
C GLU C 74 -20.42 16.65 4.25
N LEU C 75 -19.14 16.28 4.30
CA LEU C 75 -18.63 15.54 5.44
C LEU C 75 -18.56 16.50 6.59
N LEU C 76 -17.79 17.59 6.41
CA LEU C 76 -17.64 18.62 7.44
C LEU C 76 -18.98 19.01 8.06
N SER C 77 -19.92 19.47 7.22
CA SER C 77 -21.29 19.74 7.66
C SER C 77 -21.85 18.60 8.51
N LEU C 78 -21.58 17.37 8.08
CA LEU C 78 -22.16 16.20 8.74
C LEU C 78 -21.56 15.95 10.12
N ILE C 79 -20.24 16.14 10.27
CA ILE C 79 -19.62 15.88 11.56
C ILE C 79 -19.84 17.03 12.53
N ILE C 80 -19.94 18.25 12.00
CA ILE C 80 -20.29 19.40 12.82
C ILE C 80 -21.61 19.11 13.47
N GLU C 81 -22.57 18.72 12.65
CA GLU C 81 -23.88 18.28 13.12
C GLU C 81 -23.81 17.22 14.24
N ARG C 82 -22.93 16.23 14.08
CA ARG C 82 -22.76 15.20 15.10
C ARG C 82 -22.13 15.78 16.35
N PHE C 83 -21.23 16.74 16.19
CA PHE C 83 -20.53 17.31 17.34
C PHE C 83 -21.47 18.06 18.29
N GLU C 84 -22.55 18.62 17.74
CA GLU C 84 -23.51 19.45 18.49
C GLU C 84 -24.60 18.62 19.15
N ILE C 85 -24.37 18.16 20.37
CA ILE C 85 -25.25 17.17 20.98
C ILE C 85 -26.14 17.74 22.09
N PRO C 86 -27.46 17.77 21.86
CA PRO C 86 -28.51 18.06 22.86
C PRO C 86 -28.27 17.48 24.25
N GLU C 87 -28.06 18.38 25.23
CA GLU C 87 -27.87 18.02 26.64
C GLU C 87 -29.21 17.83 27.35
N PRO C 88 -29.29 16.80 28.22
CA PRO C 88 -30.54 16.48 28.91
C PRO C 88 -31.05 17.61 29.80
N GLU C 89 -32.33 17.93 29.61
CA GLU C 89 -33.06 18.93 30.37
C GLU C 89 -32.93 18.61 31.85
N PRO C 90 -32.75 19.64 32.68
CA PRO C 90 -32.64 19.41 34.13
C PRO C 90 -33.83 18.56 34.56
N THR C 91 -33.55 17.34 35.04
CA THR C 91 -34.57 16.31 35.31
C THR C 91 -35.50 16.57 36.52
N GLU C 92 -36.15 15.52 37.03
CA GLU C 92 -37.22 15.67 38.03
C GLU C 92 -36.73 15.94 39.46
N ALA C 93 -35.53 15.46 39.81
CA ALA C 93 -34.93 15.78 41.10
C ALA C 93 -34.02 17.00 40.94
N ASP C 94 -33.76 17.34 39.68
CA ASP C 94 -33.10 18.59 39.33
C ASP C 94 -34.15 19.69 39.47
N ARG C 95 -35.34 19.44 38.92
CA ARG C 95 -36.44 20.44 38.88
C ARG C 95 -36.95 20.78 40.28
N ILE C 96 -36.75 19.89 41.24
CA ILE C 96 -37.18 20.14 42.61
C ILE C 96 -36.04 20.68 43.49
N ALA C 97 -34.80 20.56 43.03
CA ALA C 97 -33.67 21.13 43.74
C ALA C 97 -33.48 22.62 43.38
N ILE C 98 -33.71 22.96 42.09
CA ILE C 98 -33.66 24.33 41.55
C ILE C 98 -34.74 25.25 42.19
N GLU C 99 -35.89 24.66 42.52
CA GLU C 99 -37.05 25.41 43.04
C GLU C 99 -37.12 25.56 44.58
N ASN C 100 -36.13 25.02 45.30
CA ASN C 100 -36.08 25.18 46.75
C ASN C 100 -34.76 25.74 47.26
N GLY C 101 -34.19 26.67 46.50
CA GLY C 101 -32.98 27.36 46.87
C GLY C 101 -31.76 26.97 46.06
N ASP C 102 -30.99 26.01 46.59
CA ASP C 102 -29.70 25.61 46.03
C ASP C 102 -29.76 25.02 44.61
N GLN C 103 -28.58 24.71 44.06
CA GLN C 103 -28.46 24.21 42.69
C GLN C 103 -28.41 22.67 42.69
N PRO C 104 -28.93 22.04 41.61
CA PRO C 104 -29.08 20.58 41.55
C PRO C 104 -27.76 19.80 41.57
N LEU C 105 -27.81 18.48 41.75
CA LEU C 105 -26.63 17.60 41.74
C LEU C 105 -26.32 17.03 40.34
N SER C 106 -27.37 16.89 39.52
CA SER C 106 -27.25 16.47 38.12
C SER C 106 -26.58 15.10 37.90
N ALA C 107 -27.07 14.07 38.59
CA ALA C 107 -26.44 12.74 38.49
C ALA C 107 -26.58 12.01 37.13
N GLU C 108 -27.68 12.20 36.38
CA GLU C 108 -27.77 11.67 35.01
C GLU C 108 -27.67 12.76 33.93
N LEU C 109 -27.20 13.94 34.30
CA LEU C 109 -26.74 14.87 33.26
C LEU C 109 -25.27 14.61 33.09
N LYS C 110 -24.60 14.39 34.22
CA LYS C 110 -23.18 14.12 34.17
C LYS C 110 -22.91 12.67 33.74
N ARG C 111 -23.84 11.74 33.97
CA ARG C 111 -23.71 10.39 33.38
C ARG C 111 -23.72 10.48 31.88
N PHE C 112 -24.73 11.15 31.33
CA PHE C 112 -24.80 11.38 29.89
C PHE C 112 -23.56 12.16 29.40
N ARG C 113 -23.18 13.22 30.08
CA ARG C 113 -22.06 14.01 29.61
C ARG C 113 -20.70 13.29 29.66
N LYS C 114 -20.59 12.20 30.40
CA LYS C 114 -19.28 11.57 30.57
C LYS C 114 -19.18 10.32 29.75
N GLU C 115 -20.32 9.68 29.53
CA GLU C 115 -20.42 8.42 28.83
C GLU C 115 -20.74 8.59 27.35
N TYR C 116 -21.49 9.63 27.00
CA TYR C 116 -21.88 9.88 25.61
C TYR C 116 -21.27 11.16 25.02
N ILE C 117 -21.51 12.30 25.64
CA ILE C 117 -21.09 13.54 25.02
C ILE C 117 -19.58 13.70 25.04
N GLN C 118 -18.93 13.24 26.10
CA GLN C 118 -17.47 13.37 26.19
C GLN C 118 -16.74 12.54 25.12
N PRO C 119 -17.09 11.24 24.99
CA PRO C 119 -16.48 10.42 23.95
C PRO C 119 -16.77 10.89 22.54
N VAL C 120 -18.04 11.11 22.22
CA VAL C 120 -18.39 11.47 20.86
C VAL C 120 -17.73 12.78 20.42
N GLN C 121 -17.53 13.70 21.32
CA GLN C 121 -16.95 14.95 20.88
C GLN C 121 -15.46 14.82 20.67
N LEU C 122 -14.84 14.01 21.50
CA LEU C 122 -13.40 13.78 21.46
C LEU C 122 -13.03 12.89 20.27
N ARG C 123 -13.92 11.94 19.98
CA ARG C 123 -13.71 11.01 18.89
C ARG C 123 -13.90 11.73 17.54
N VAL C 124 -14.68 12.81 17.58
CA VAL C 124 -14.90 13.69 16.43
C VAL C 124 -13.69 14.58 16.22
N LEU C 125 -13.13 15.08 17.30
CA LEU C 125 -11.93 15.88 17.17
C LEU C 125 -10.81 14.99 16.67
N ASN C 126 -10.84 13.72 17.01
CA ASN C 126 -9.84 12.81 16.47
C ASN C 126 -9.98 12.63 14.98
N VAL C 127 -11.21 12.66 14.47
CA VAL C 127 -11.44 12.59 13.02
C VAL C 127 -10.88 13.81 12.30
N CYS C 128 -11.07 15.00 12.87
CA CYS C 128 -10.54 16.22 12.27
C CYS C 128 -9.02 16.26 12.34
N ARG C 129 -8.48 15.73 13.42
CA ARG C 129 -7.04 15.68 13.63
C ARG C 129 -6.41 14.77 12.60
N HIS C 130 -7.08 13.66 12.28
CA HIS C 130 -6.60 12.79 11.23
C HIS C 130 -6.81 13.47 9.88
N TRP C 131 -8.06 13.82 9.58
CA TRP C 131 -8.41 14.45 8.32
C TRP C 131 -7.49 15.61 7.93
N VAL C 132 -7.04 16.38 8.90
CA VAL C 132 -6.11 17.48 8.60
C VAL C 132 -4.68 16.97 8.45
N GLU C 133 -4.21 16.18 9.42
CA GLU C 133 -2.80 15.79 9.49
C GLU C 133 -2.42 14.76 8.44
N HIS C 134 -3.43 14.17 7.79
CA HIS C 134 -3.18 13.03 6.90
C HIS C 134 -3.78 13.14 5.52
N HIS C 135 -4.92 13.79 5.40
CA HIS C 135 -5.55 13.90 4.11
C HIS C 135 -5.78 15.34 3.84
N PHE C 136 -4.70 16.11 3.93
CA PHE C 136 -4.79 17.56 3.83
C PHE C 136 -5.12 18.02 2.41
N TYR C 137 -5.03 17.11 1.45
CA TYR C 137 -5.27 17.47 0.04
C TYR C 137 -6.67 18.02 -0.18
N ASP C 138 -7.65 17.42 0.48
CA ASP C 138 -9.02 17.92 0.55
C ASP C 138 -9.08 19.43 0.84
N PHE C 139 -8.07 19.97 1.52
CA PHE C 139 -8.09 21.38 1.94
C PHE C 139 -7.26 22.27 1.02
N GLU C 140 -6.18 21.74 0.46
CA GLU C 140 -5.42 22.53 -0.48
C GLU C 140 -6.09 22.57 -1.87
N ARG C 141 -7.19 21.82 -2.02
CA ARG C 141 -8.03 21.89 -3.24
C ARG C 141 -9.41 22.48 -2.94
N ASP C 142 -9.51 23.26 -1.86
CA ASP C 142 -10.74 23.94 -1.47
C ASP C 142 -10.50 24.84 -0.26
N ALA C 143 -10.33 26.15 -0.48
CA ALA C 143 -10.07 27.05 0.64
C ALA C 143 -11.30 27.22 1.54
N TYR C 144 -12.48 27.37 0.96
CA TYR C 144 -13.71 27.51 1.77
C TYR C 144 -13.84 26.37 2.77
N LEU C 145 -13.38 25.16 2.39
CA LEU C 145 -13.44 24.01 3.29
C LEU C 145 -12.53 24.25 4.48
N LEU C 146 -11.28 24.61 4.19
CA LEU C 146 -10.33 24.97 5.22
C LEU C 146 -10.95 26.06 6.08
N GLN C 147 -11.46 27.11 5.45
CA GLN C 147 -12.11 28.21 6.15
C GLN C 147 -13.19 27.74 7.13
N ARG C 148 -14.07 26.85 6.70
CA ARG C 148 -15.17 26.38 7.55
C ARG C 148 -14.62 25.56 8.68
N MET C 149 -13.61 24.77 8.38
CA MET C 149 -13.03 23.88 9.35
C MET C 149 -12.34 24.71 10.42
N GLU C 150 -11.58 25.72 9.99
CA GLU C 150 -10.92 26.65 10.92
C GLU C 150 -11.94 27.40 11.76
N GLU C 151 -13.01 27.87 11.12
CA GLU C 151 -14.12 28.47 11.84
C GLU C 151 -14.57 27.49 12.93
N PHE C 152 -14.96 26.28 12.52
CA PHE C 152 -15.49 25.28 13.45
C PHE C 152 -14.65 25.10 14.69
N ILE C 153 -13.34 24.95 14.50
CA ILE C 153 -12.42 24.60 15.57
C ILE C 153 -12.30 25.74 16.58
N GLY C 154 -12.16 26.98 16.08
CA GLY C 154 -12.11 28.16 16.93
C GLY C 154 -13.31 28.22 17.85
N THR C 155 -14.47 28.34 17.24
CA THR C 155 -15.76 28.33 17.95
C THR C 155 -16.19 26.97 18.52
N VAL C 156 -15.24 26.20 19.06
CA VAL C 156 -15.56 25.10 19.96
C VAL C 156 -15.11 25.72 21.24
N ARG C 157 -15.85 25.51 22.33
CA ARG C 157 -15.47 26.11 23.59
C ARG C 157 -15.73 25.18 24.78
N GLY C 158 -14.88 24.18 24.95
CA GLY C 158 -14.87 23.39 26.17
C GLY C 158 -13.57 23.69 26.88
N LYS C 159 -13.40 23.15 28.09
CA LYS C 159 -12.11 23.22 28.77
C LYS C 159 -11.48 21.85 28.67
N ALA C 160 -12.35 20.83 28.54
CA ALA C 160 -11.90 19.47 28.21
C ALA C 160 -11.19 19.52 26.87
N MET C 161 -11.94 19.90 25.83
CA MET C 161 -11.42 20.01 24.47
C MET C 161 -10.44 21.17 24.28
N LYS C 162 -10.01 21.80 25.36
CA LYS C 162 -9.12 22.95 25.23
C LYS C 162 -7.72 22.51 24.79
N LYS C 163 -7.28 21.38 25.33
CA LYS C 163 -5.97 20.80 25.00
C LYS C 163 -5.90 20.40 23.53
N TRP C 164 -6.99 19.81 23.06
CA TRP C 164 -7.08 19.21 21.74
C TRP C 164 -7.50 20.17 20.64
N VAL C 165 -8.23 21.20 21.00
CA VAL C 165 -8.49 22.22 20.02
C VAL C 165 -7.17 22.86 19.71
N GLU C 166 -6.32 22.99 20.73
CA GLU C 166 -5.06 23.72 20.58
C GLU C 166 -4.07 23.06 19.62
N SER C 167 -3.99 21.73 19.66
CA SER C 167 -3.01 21.05 18.83
C SER C 167 -3.52 20.87 17.39
N ILE C 168 -4.82 21.05 17.19
CA ILE C 168 -5.42 21.00 15.86
C ILE C 168 -5.30 22.33 15.14
N THR C 169 -5.33 23.42 15.90
CA THR C 169 -5.19 24.74 15.32
C THR C 169 -3.76 24.94 14.89
N LYS C 170 -2.86 24.28 15.62
CA LYS C 170 -1.44 24.42 15.32
C LYS C 170 -1.00 23.45 14.20
N ILE C 171 -1.68 22.31 14.08
CA ILE C 171 -1.43 21.41 12.94
C ILE C 171 -1.93 22.05 11.65
N ILE C 172 -3.06 22.74 11.70
CA ILE C 172 -3.57 23.39 10.50
C ILE C 172 -2.62 24.48 10.06
N GLN C 173 -1.94 25.10 11.02
CA GLN C 173 -0.92 26.11 10.69
C GLN C 173 0.35 25.52 10.05
N ARG C 174 0.98 24.56 10.75
CA ARG C 174 2.13 23.81 10.22
C ARG C 174 1.89 23.31 8.79
N LYS C 175 0.68 22.77 8.55
CA LYS C 175 0.29 22.23 7.26
C LYS C 175 0.19 23.30 6.17
N LYS C 176 -0.17 24.52 6.54
CA LYS C 176 -0.28 25.59 5.56
C LYS C 176 1.05 26.17 5.03
N ILE C 177 2.17 25.51 5.36
CA ILE C 177 3.47 25.86 4.79
C ILE C 177 4.25 24.64 4.26
N ALA C 178 5.00 23.97 5.14
CA ALA C 178 5.77 22.78 4.74
C ALA C 178 4.93 21.49 4.83
N HIS C 185 12.30 15.79 7.42
CA HIS C 185 12.47 14.42 7.91
C HIS C 185 13.85 14.15 8.52
N ASN C 186 13.97 14.52 9.80
CA ASN C 186 15.12 14.16 10.64
C ASN C 186 15.09 12.67 11.04
N ILE C 187 16.01 11.88 10.48
CA ILE C 187 16.05 10.43 10.69
C ILE C 187 17.23 10.03 11.56
N THR C 188 16.96 9.28 12.62
CA THR C 188 17.98 8.82 13.55
C THR C 188 18.27 7.35 13.29
N PHE C 189 19.53 7.00 13.10
CA PHE C 189 19.85 5.59 12.94
C PHE C 189 20.60 5.00 14.08
N GLN C 190 20.44 3.68 14.19
CA GLN C 190 21.23 2.88 15.09
C GLN C 190 22.70 2.93 14.70
N SER C 191 22.99 2.11 13.69
CA SER C 191 24.32 1.83 13.20
C SER C 191 24.66 2.69 11.98
N SER C 192 25.95 2.86 11.73
CA SER C 192 26.40 3.62 10.57
C SER C 192 26.14 2.79 9.32
N PRO C 193 26.03 3.48 8.16
CA PRO C 193 25.84 2.85 6.85
C PRO C 193 27.20 2.48 6.29
N PRO C 194 27.26 1.38 5.53
CA PRO C 194 28.54 0.88 5.04
C PRO C 194 29.21 1.95 4.16
N THR C 195 30.52 1.83 3.94
CA THR C 195 31.21 2.83 3.13
C THR C 195 30.83 2.67 1.67
N VAL C 196 30.74 3.80 0.98
CA VAL C 196 30.39 3.81 -0.44
C VAL C 196 31.51 3.11 -1.17
N GLU C 197 31.15 2.21 -2.08
CA GLU C 197 32.17 1.42 -2.78
C GLU C 197 32.40 1.94 -4.20
N TRP C 198 33.66 1.92 -4.63
CA TRP C 198 34.06 2.43 -5.94
C TRP C 198 34.81 1.38 -6.76
N HIS C 199 34.62 1.40 -8.08
CA HIS C 199 35.27 0.43 -8.96
C HIS C 199 36.28 1.17 -9.83
N ILE C 200 35.96 1.26 -11.13
CA ILE C 200 36.85 1.80 -12.18
C ILE C 200 36.75 3.31 -12.23
N SER C 201 35.51 3.81 -12.34
CA SER C 201 35.16 5.22 -12.23
C SER C 201 35.45 5.71 -10.84
N ARG C 202 36.31 6.73 -10.72
CA ARG C 202 36.66 7.31 -9.44
C ARG C 202 35.77 8.50 -9.11
N PRO C 203 35.59 8.81 -7.81
CA PRO C 203 34.67 9.82 -7.28
C PRO C 203 34.78 11.19 -7.94
N GLY C 204 33.66 11.65 -8.46
CA GLY C 204 33.61 12.93 -9.12
C GLY C 204 33.81 12.86 -10.63
N HIS C 205 34.22 11.71 -11.15
CA HIS C 205 34.39 11.53 -12.59
C HIS C 205 33.10 11.06 -13.26
N ILE C 206 32.06 11.86 -13.18
CA ILE C 206 30.72 11.52 -13.70
C ILE C 206 30.58 11.10 -15.19
N GLU C 207 31.61 11.37 -15.97
CA GLU C 207 31.57 11.14 -17.42
C GLU C 207 31.97 9.71 -17.76
N THR C 208 32.81 9.15 -16.89
CA THR C 208 33.28 7.79 -17.04
C THR C 208 32.27 6.79 -16.44
N PHE C 209 31.29 7.28 -15.69
CA PHE C 209 30.22 6.44 -15.12
C PHE C 209 29.43 5.66 -16.17
N ASP C 210 29.30 4.35 -15.97
CA ASP C 210 28.50 3.49 -16.83
C ASP C 210 28.35 2.15 -16.09
N LEU C 211 27.45 1.29 -16.55
CA LEU C 211 27.16 -0.01 -15.93
C LEU C 211 28.40 -0.82 -15.54
N LEU C 212 29.45 -0.75 -16.37
CA LEU C 212 30.66 -1.56 -16.14
C LEU C 212 31.74 -0.94 -15.23
N THR C 213 31.70 0.38 -15.07
CA THR C 213 32.75 1.11 -14.36
C THR C 213 32.34 1.59 -12.98
N LEU C 214 31.03 1.58 -12.73
CA LEU C 214 30.50 1.80 -11.40
C LEU C 214 30.54 0.45 -10.66
N HIS C 215 30.73 0.50 -9.35
CA HIS C 215 30.80 -0.74 -8.61
C HIS C 215 29.39 -1.36 -8.52
N PRO C 216 29.23 -2.64 -8.88
CA PRO C 216 27.91 -3.28 -8.90
C PRO C 216 27.20 -3.17 -7.57
N ILE C 217 27.94 -3.33 -6.49
CA ILE C 217 27.37 -3.17 -5.15
C ILE C 217 26.77 -1.79 -5.04
N GLU C 218 27.56 -0.76 -5.34
CA GLU C 218 27.12 0.63 -5.19
C GLU C 218 26.11 1.09 -6.22
N ILE C 219 25.96 0.37 -7.34
CA ILE C 219 24.86 0.67 -8.25
C ILE C 219 23.58 0.24 -7.54
N ALA C 220 23.53 -1.01 -7.13
CA ALA C 220 22.34 -1.55 -6.51
C ALA C 220 21.96 -0.77 -5.26
N ARG C 221 22.94 -0.34 -4.48
CA ARG C 221 22.63 0.48 -3.32
C ARG C 221 21.92 1.80 -3.77
N GLN C 222 22.57 2.60 -4.63
CA GLN C 222 22.06 3.94 -4.99
C GLN C 222 20.72 3.93 -5.70
N LEU C 223 20.45 2.85 -6.43
CA LEU C 223 19.19 2.63 -7.11
C LEU C 223 18.18 2.04 -6.18
N THR C 224 18.60 1.60 -5.00
CA THR C 224 17.61 1.13 -4.08
C THR C 224 17.17 2.35 -3.29
N LEU C 225 18.12 3.20 -2.91
CA LEU C 225 17.80 4.49 -2.28
C LEU C 225 16.85 5.30 -3.16
N LEU C 226 17.19 5.40 -4.43
CA LEU C 226 16.40 6.16 -5.35
C LEU C 226 15.01 5.55 -5.53
N GLU C 227 14.91 4.23 -5.58
CA GLU C 227 13.62 3.57 -5.84
C GLU C 227 12.74 3.49 -4.63
N SER C 228 13.37 3.55 -3.45
CA SER C 228 12.66 3.65 -2.17
C SER C 228 12.08 5.05 -2.05
N ASP C 229 12.92 6.04 -2.35
CA ASP C 229 12.52 7.44 -2.29
C ASP C 229 11.28 7.68 -3.15
N LEU C 230 11.17 6.93 -4.23
CA LEU C 230 10.08 7.12 -5.18
C LEU C 230 8.80 6.45 -4.72
N TYR C 231 8.98 5.24 -4.16
CA TYR C 231 7.91 4.42 -3.60
C TYR C 231 7.28 5.12 -2.44
N ARG C 232 8.12 5.71 -1.62
CA ARG C 232 7.65 6.40 -0.44
C ARG C 232 6.81 7.67 -0.74
N ALA C 233 7.02 8.31 -1.87
CA ALA C 233 6.30 9.54 -2.15
C ALA C 233 4.85 9.32 -2.58
N VAL C 234 4.44 8.08 -2.82
CA VAL C 234 3.10 7.84 -3.34
C VAL C 234 2.08 8.02 -2.24
N GLN C 235 1.21 9.00 -2.39
CA GLN C 235 0.13 9.20 -1.43
C GLN C 235 -1.05 8.32 -1.82
N PRO C 236 -2.01 8.10 -0.90
CA PRO C 236 -3.08 7.24 -1.38
C PRO C 236 -4.10 8.09 -2.10
N SER C 237 -3.85 9.39 -2.13
CA SER C 237 -4.58 10.29 -3.00
C SER C 237 -4.54 9.81 -4.47
N GLU C 238 -3.36 9.37 -4.89
CA GLU C 238 -3.11 8.97 -6.29
C GLU C 238 -3.57 7.55 -6.62
N LEU C 239 -4.21 6.87 -5.68
CA LEU C 239 -4.52 5.46 -5.85
C LEU C 239 -6.01 5.18 -5.85
N VAL C 240 -6.70 5.74 -4.85
CA VAL C 240 -8.11 5.49 -4.65
C VAL C 240 -8.88 6.03 -5.84
N GLY C 241 -9.83 5.26 -6.34
CA GLY C 241 -10.74 5.74 -7.37
C GLY C 241 -10.16 5.55 -8.76
N SER C 242 -9.19 4.62 -8.85
CA SER C 242 -8.51 4.24 -10.09
C SER C 242 -8.04 5.42 -10.95
N VAL C 243 -7.67 6.50 -10.28
CA VAL C 243 -7.35 7.76 -10.95
C VAL C 243 -6.14 7.70 -11.86
N TRP C 244 -5.30 6.70 -11.66
CA TRP C 244 -4.07 6.59 -12.46
C TRP C 244 -4.36 5.92 -13.79
N THR C 245 -5.63 5.58 -14.04
CA THR C 245 -6.05 5.06 -15.34
C THR C 245 -6.89 6.02 -16.20
N LYS C 246 -7.43 7.09 -15.61
CA LYS C 246 -8.30 8.04 -16.33
C LYS C 246 -7.46 9.07 -17.07
N GLU C 247 -8.12 10.00 -17.78
CA GLU C 247 -7.42 10.98 -18.62
C GLU C 247 -6.61 12.00 -17.82
N ASP C 248 -6.98 12.18 -16.56
CA ASP C 248 -6.25 13.08 -15.70
C ASP C 248 -5.29 12.27 -14.87
N LYS C 249 -4.74 11.20 -15.44
CA LYS C 249 -3.75 10.43 -14.73
C LYS C 249 -2.61 11.34 -14.33
N GLU C 250 -2.26 12.30 -15.18
CA GLU C 250 -1.05 13.09 -14.97
C GLU C 250 -1.20 14.16 -13.89
N ILE C 251 -2.45 14.55 -13.62
CA ILE C 251 -2.77 15.62 -12.69
C ILE C 251 -2.94 15.03 -11.31
N ASN C 252 -3.75 13.96 -11.23
CA ASN C 252 -4.08 13.28 -9.98
C ASN C 252 -3.05 12.33 -9.46
N SER C 253 -2.25 11.74 -10.35
CA SER C 253 -1.32 10.68 -9.98
C SER C 253 0.17 10.84 -10.35
N PRO C 254 0.74 12.03 -10.16
CA PRO C 254 2.08 12.28 -10.68
C PRO C 254 3.26 11.57 -10.00
N ASN C 255 3.17 11.22 -8.72
CA ASN C 255 4.26 10.51 -8.06
C ASN C 255 4.24 9.03 -8.31
N LEU C 256 3.04 8.48 -8.44
CA LEU C 256 2.91 7.07 -8.78
C LEU C 256 3.46 6.91 -10.17
N LEU C 257 3.06 7.83 -11.05
CA LEU C 257 3.48 7.79 -12.44
C LEU C 257 4.97 7.97 -12.51
N LYS C 258 5.50 8.82 -11.65
CA LYS C 258 6.92 9.14 -11.70
C LYS C 258 7.79 7.91 -11.44
N MET C 259 7.29 6.92 -10.70
CA MET C 259 8.10 5.77 -10.30
C MET C 259 7.84 4.57 -11.17
N ILE C 260 6.69 4.57 -11.85
CA ILE C 260 6.42 3.52 -12.83
C ILE C 260 7.26 3.85 -14.06
N ARG C 261 7.48 5.14 -14.28
CA ARG C 261 8.28 5.55 -15.41
C ARG C 261 9.72 5.32 -15.14
N HIS C 262 10.12 5.46 -13.89
CA HIS C 262 11.51 5.13 -13.53
C HIS C 262 11.80 3.65 -13.72
N THR C 263 11.06 2.77 -13.04
CA THR C 263 11.18 1.34 -13.26
C THR C 263 11.22 0.97 -14.74
N THR C 264 10.32 1.55 -15.52
CA THR C 264 10.20 1.25 -16.95
C THR C 264 11.41 1.71 -17.73
N ASN C 265 12.06 2.75 -17.24
CA ASN C 265 13.27 3.27 -17.87
C ASN C 265 14.49 2.38 -17.64
N LEU C 266 14.66 1.94 -16.41
CA LEU C 266 15.80 1.12 -16.06
C LEU C 266 15.75 -0.22 -16.74
N THR C 267 14.55 -0.78 -16.83
CA THR C 267 14.36 -2.00 -17.59
C THR C 267 14.84 -1.78 -19.04
N LEU C 268 14.66 -0.57 -19.58
CA LEU C 268 15.13 -0.22 -20.92
C LEU C 268 16.62 0.10 -21.08
N TRP C 269 17.20 0.77 -20.10
CA TRP C 269 18.65 0.92 -20.05
C TRP C 269 19.36 -0.46 -19.98
N PHE C 270 18.78 -1.42 -19.24
CA PHE C 270 19.34 -2.78 -19.16
C PHE C 270 19.25 -3.51 -20.49
N GLU C 271 18.05 -3.58 -21.08
CA GLU C 271 17.86 -4.08 -22.43
C GLU C 271 18.87 -3.41 -23.37
N LYS C 272 18.96 -2.08 -23.35
CA LYS C 272 19.84 -1.38 -24.29
C LYS C 272 21.33 -1.65 -24.10
N CYS C 273 21.78 -1.77 -22.85
CA CYS C 273 23.18 -2.09 -22.52
C CYS C 273 23.60 -3.46 -22.98
N ILE C 274 22.63 -4.36 -23.08
CA ILE C 274 22.92 -5.71 -23.45
C ILE C 274 23.02 -5.78 -24.94
N VAL C 275 21.96 -5.38 -25.65
CA VAL C 275 21.92 -5.58 -27.10
C VAL C 275 22.80 -4.63 -27.90
N GLU C 276 23.48 -3.71 -27.24
CA GLU C 276 24.31 -2.75 -27.96
C GLU C 276 25.75 -3.07 -27.75
N THR C 277 26.01 -3.89 -26.75
CA THR C 277 27.34 -4.49 -26.63
C THR C 277 27.39 -5.61 -27.65
N GLU C 278 28.01 -5.33 -28.80
CA GLU C 278 27.95 -6.20 -29.96
C GLU C 278 28.83 -7.43 -29.83
N ASN C 279 30.04 -7.21 -29.31
CA ASN C 279 31.01 -8.29 -29.10
C ASN C 279 30.46 -9.35 -28.15
N LEU C 280 30.75 -10.62 -28.37
CA LEU C 280 30.15 -11.62 -27.48
C LEU C 280 30.77 -11.66 -26.08
N GLU C 281 32.08 -11.69 -26.00
CA GLU C 281 32.71 -11.72 -24.68
C GLU C 281 32.26 -10.54 -23.86
N GLU C 282 32.28 -9.34 -24.45
CA GLU C 282 31.89 -8.14 -23.73
C GLU C 282 30.43 -8.15 -23.31
N ARG C 283 29.54 -8.64 -24.17
CA ARG C 283 28.14 -8.75 -23.78
C ARG C 283 27.94 -9.73 -22.63
N VAL C 284 28.67 -10.84 -22.62
CA VAL C 284 28.55 -11.79 -21.53
C VAL C 284 29.06 -11.20 -20.22
N ALA C 285 29.97 -10.22 -20.28
CA ALA C 285 30.40 -9.55 -19.06
C ALA C 285 29.30 -8.61 -18.58
N VAL C 286 28.49 -8.11 -19.51
CA VAL C 286 27.46 -7.15 -19.15
C VAL C 286 26.24 -7.85 -18.61
N VAL C 287 25.83 -8.93 -19.27
CA VAL C 287 24.69 -9.71 -18.81
C VAL C 287 25.00 -10.25 -17.42
N SER C 288 26.25 -10.61 -17.20
CA SER C 288 26.63 -11.10 -15.90
C SER C 288 26.64 -9.98 -14.86
N ARG C 289 27.17 -8.82 -15.19
CA ARG C 289 27.20 -7.73 -14.23
C ARG C 289 25.80 -7.28 -13.84
N ILE C 290 24.81 -7.56 -14.67
CA ILE C 290 23.44 -7.19 -14.34
C ILE C 290 22.88 -8.23 -13.37
N ILE C 291 23.27 -9.48 -13.54
CA ILE C 291 22.76 -10.49 -12.64
C ILE C 291 23.49 -10.36 -11.30
N GLU C 292 24.67 -9.78 -11.30
CA GLU C 292 25.37 -9.50 -10.05
C GLU C 292 24.72 -8.37 -9.28
N ILE C 293 24.10 -7.44 -10.02
CA ILE C 293 23.28 -6.40 -9.39
C ILE C 293 21.99 -6.99 -8.85
N LEU C 294 21.26 -7.72 -9.69
CA LEU C 294 20.03 -8.40 -9.27
C LEU C 294 20.24 -9.16 -7.97
N GLN C 295 21.46 -9.60 -7.74
CA GLN C 295 21.77 -10.36 -6.55
C GLN C 295 21.94 -9.46 -5.30
N VAL C 296 22.45 -8.24 -5.50
CA VAL C 296 22.54 -7.23 -4.42
C VAL C 296 21.19 -6.56 -4.17
N PHE C 297 20.35 -6.51 -5.20
CA PHE C 297 18.98 -6.00 -5.07
C PHE C 297 18.26 -6.91 -4.12
N GLN C 298 18.48 -8.21 -4.27
CA GLN C 298 17.84 -9.12 -3.38
C GLN C 298 18.35 -9.07 -1.95
N GLU C 299 19.64 -8.85 -1.76
CA GLU C 299 20.16 -8.66 -0.39
C GLU C 299 19.45 -7.49 0.29
N LEU C 300 19.06 -6.47 -0.49
CA LEU C 300 18.39 -5.29 0.07
C LEU C 300 16.87 -5.30 0.02
N ASN C 301 16.26 -6.41 -0.35
CA ASN C 301 14.80 -6.47 -0.45
C ASN C 301 14.18 -5.42 -1.36
N ASN C 302 14.93 -5.02 -2.39
CA ASN C 302 14.43 -4.15 -3.42
C ASN C 302 13.75 -4.99 -4.48
N PHE C 303 12.48 -5.33 -4.28
CA PHE C 303 11.77 -6.15 -5.26
C PHE C 303 11.54 -5.41 -6.55
N ASN C 304 11.34 -4.10 -6.45
CA ASN C 304 11.06 -3.29 -7.62
C ASN C 304 12.21 -3.38 -8.57
N GLY C 305 13.43 -3.40 -8.02
CA GLY C 305 14.65 -3.53 -8.81
C GLY C 305 14.87 -4.93 -9.35
N VAL C 306 14.56 -5.95 -8.56
CA VAL C 306 14.62 -7.33 -9.02
C VAL C 306 13.69 -7.51 -10.21
N LEU C 307 12.49 -6.95 -10.11
CA LEU C 307 11.54 -7.10 -11.20
C LEU C 307 11.80 -6.18 -12.38
N GLU C 308 12.75 -5.27 -12.25
CA GLU C 308 13.26 -4.54 -13.40
C GLU C 308 14.11 -5.52 -14.17
N VAL C 309 15.24 -5.88 -13.57
CA VAL C 309 16.13 -6.90 -14.08
C VAL C 309 15.47 -8.20 -14.58
N VAL C 310 14.57 -8.83 -13.83
CA VAL C 310 13.88 -10.00 -14.42
C VAL C 310 13.06 -9.59 -15.63
N SER C 311 12.43 -8.42 -15.59
CA SER C 311 11.59 -7.96 -16.70
C SER C 311 12.34 -7.58 -17.98
N ALA C 312 13.61 -7.25 -17.80
CA ALA C 312 14.48 -6.84 -18.89
C ALA C 312 15.03 -8.08 -19.54
N MET C 313 15.35 -9.09 -18.73
CA MET C 313 15.88 -10.34 -19.26
C MET C 313 14.80 -11.01 -20.08
N ASN C 314 13.55 -10.81 -19.68
CA ASN C 314 12.42 -11.47 -20.31
C ASN C 314 11.99 -10.85 -21.63
N SER C 315 12.23 -9.54 -21.77
CA SER C 315 11.94 -8.78 -22.98
C SER C 315 12.33 -9.49 -24.27
N SER C 316 11.65 -9.18 -25.37
CA SER C 316 12.00 -9.76 -26.67
C SER C 316 13.49 -9.67 -27.08
N PRO C 317 14.08 -8.47 -27.10
CA PRO C 317 15.46 -8.41 -27.57
C PRO C 317 16.46 -9.21 -26.76
N VAL C 318 16.26 -9.34 -25.45
CA VAL C 318 17.26 -10.01 -24.61
C VAL C 318 17.04 -11.54 -24.40
N TYR C 319 15.79 -11.99 -24.39
CA TYR C 319 15.44 -13.40 -24.19
C TYR C 319 16.11 -14.31 -25.19
N ARG C 320 16.09 -13.88 -26.44
CA ARG C 320 16.52 -14.70 -27.56
C ARG C 320 18.02 -14.88 -27.69
N LEU C 321 18.80 -14.17 -26.88
CA LEU C 321 20.25 -14.20 -27.02
C LEU C 321 20.89 -15.48 -26.44
N ASP C 322 20.49 -16.64 -26.97
CA ASP C 322 20.86 -17.93 -26.38
C ASP C 322 22.36 -18.18 -26.29
N HIS C 323 23.14 -17.58 -27.18
CA HIS C 323 24.61 -17.79 -27.16
C HIS C 323 25.25 -17.02 -26.01
N THR C 324 24.57 -15.97 -25.58
CA THR C 324 25.05 -15.14 -24.49
C THR C 324 24.77 -15.77 -23.16
N PHE C 325 23.55 -16.26 -22.95
CA PHE C 325 23.19 -16.94 -21.70
C PHE C 325 23.73 -18.34 -21.58
N GLU C 326 24.34 -18.88 -22.62
CA GLU C 326 24.91 -20.19 -22.52
C GLU C 326 26.25 -20.05 -21.84
N GLN C 327 26.72 -18.82 -21.79
CA GLN C 327 28.06 -18.56 -21.29
C GLN C 327 28.09 -17.92 -19.92
N ILE C 328 26.92 -17.63 -19.38
CA ILE C 328 26.85 -17.11 -18.02
C ILE C 328 27.42 -18.22 -17.11
N PRO C 329 28.16 -17.85 -16.06
CA PRO C 329 28.59 -18.81 -15.03
C PRO C 329 27.41 -19.66 -14.49
N SER C 330 27.66 -20.86 -13.97
CA SER C 330 26.54 -21.71 -13.59
C SER C 330 25.81 -21.15 -12.37
N ARG C 331 26.53 -20.45 -11.51
CA ARG C 331 25.94 -19.87 -10.30
C ARG C 331 24.90 -18.81 -10.60
N GLN C 332 25.06 -18.11 -11.72
CA GLN C 332 24.16 -17.00 -12.04
C GLN C 332 23.02 -17.42 -12.91
N LYS C 333 23.12 -18.59 -13.54
CA LYS C 333 21.98 -19.08 -14.28
C LYS C 333 20.94 -19.46 -13.22
N LYS C 334 21.46 -19.75 -12.04
CA LYS C 334 20.67 -20.18 -10.90
C LYS C 334 19.99 -18.96 -10.26
N ILE C 335 20.79 -17.95 -9.95
CA ILE C 335 20.27 -16.67 -9.45
C ILE C 335 19.19 -16.05 -10.33
N LEU C 336 19.43 -16.00 -11.66
CA LEU C 336 18.47 -15.43 -12.59
C LEU C 336 17.19 -16.24 -12.65
N GLU C 337 17.30 -17.55 -12.76
CA GLU C 337 16.09 -18.37 -12.84
C GLU C 337 15.26 -18.26 -11.57
N GLU C 338 15.92 -18.26 -10.42
CA GLU C 338 15.21 -18.19 -9.16
C GLU C 338 14.48 -16.86 -8.94
N ALA C 339 15.05 -15.77 -9.43
CA ALA C 339 14.38 -14.48 -9.34
C ALA C 339 13.23 -14.40 -10.33
N HIS C 340 13.34 -15.18 -11.40
CA HIS C 340 12.29 -15.22 -12.38
C HIS C 340 11.09 -15.93 -11.79
N GLU C 341 11.36 -16.90 -10.92
CA GLU C 341 10.29 -17.73 -10.36
C GLU C 341 9.42 -16.94 -9.39
N LEU C 342 9.92 -15.79 -8.95
CA LEU C 342 9.11 -14.91 -8.13
C LEU C 342 7.84 -14.56 -8.89
N SER C 343 7.97 -14.00 -10.09
CA SER C 343 6.80 -13.63 -10.89
C SER C 343 5.89 -14.79 -11.31
N GLU C 344 6.41 -16.01 -11.24
CA GLU C 344 5.68 -17.20 -11.70
C GLU C 344 4.41 -17.47 -10.90
N ASP C 345 3.38 -17.92 -11.59
CA ASP C 345 2.15 -18.40 -10.94
C ASP C 345 1.44 -17.29 -10.15
N HIS C 346 1.30 -16.15 -10.81
CA HIS C 346 0.58 -15.01 -10.25
C HIS C 346 1.30 -14.39 -9.08
N TYR C 347 2.59 -14.16 -9.28
CA TYR C 347 3.49 -13.65 -8.29
C TYR C 347 3.32 -14.40 -6.99
N LYS C 348 3.03 -15.70 -7.06
CA LYS C 348 2.84 -16.49 -5.85
C LYS C 348 4.07 -16.38 -4.97
N LYS C 349 5.21 -16.80 -5.52
CA LYS C 349 6.44 -16.88 -4.76
C LYS C 349 6.94 -15.53 -4.26
N TYR C 350 6.56 -14.44 -4.94
CA TYR C 350 7.01 -13.11 -4.57
C TYR C 350 6.22 -12.55 -3.41
N LEU C 351 4.90 -12.68 -3.46
CA LEU C 351 4.05 -12.24 -2.35
C LEU C 351 4.45 -13.01 -1.10
N ALA C 352 4.96 -14.22 -1.30
CA ALA C 352 5.51 -15.00 -0.22
C ALA C 352 6.67 -14.25 0.42
N LYS C 353 7.73 -14.01 -0.36
CA LYS C 353 8.96 -13.41 0.11
C LYS C 353 8.68 -12.05 0.76
N LEU C 354 7.68 -11.35 0.26
CA LEU C 354 7.40 -9.98 0.71
C LEU C 354 6.85 -9.96 2.10
N ARG C 355 5.92 -10.88 2.36
CA ARG C 355 5.18 -10.92 3.63
C ARG C 355 5.96 -11.76 4.64
N SER C 356 7.29 -11.64 4.60
CA SER C 356 8.21 -12.47 5.38
C SER C 356 9.66 -11.93 5.54
N ILE C 357 10.08 -11.03 4.65
CA ILE C 357 11.36 -10.34 4.87
C ILE C 357 11.26 -9.38 6.03
N ASN C 358 12.40 -8.89 6.46
CA ASN C 358 12.41 -7.90 7.49
C ASN C 358 12.81 -6.61 6.80
N PRO C 359 11.83 -5.72 6.58
CA PRO C 359 12.01 -4.44 5.90
C PRO C 359 13.14 -3.62 6.53
N PRO C 360 13.60 -2.52 5.92
CA PRO C 360 13.12 -1.81 4.73
C PRO C 360 13.10 -2.69 3.50
N CYS C 361 12.09 -2.48 2.67
CA CYS C 361 12.06 -3.09 1.36
C CYS C 361 11.48 -2.07 0.39
N VAL C 362 11.32 -2.50 -0.86
CA VAL C 362 10.71 -1.69 -1.88
C VAL C 362 9.81 -2.60 -2.68
N PRO C 363 8.52 -2.65 -2.35
CA PRO C 363 7.70 -3.64 -3.05
C PRO C 363 7.57 -3.36 -4.55
N PHE C 364 7.24 -4.40 -5.32
CA PHE C 364 6.82 -4.18 -6.69
C PHE C 364 5.41 -3.60 -6.67
N PHE C 365 5.28 -2.39 -7.23
CA PHE C 365 4.04 -1.64 -7.08
C PHE C 365 2.87 -2.17 -7.93
N GLY C 366 3.18 -2.64 -9.13
CA GLY C 366 2.17 -3.09 -10.05
C GLY C 366 1.11 -4.04 -9.53
N ILE C 367 1.42 -4.91 -8.57
CA ILE C 367 0.39 -5.83 -8.07
C ILE C 367 -0.67 -5.06 -7.32
N TYR C 368 -0.22 -4.17 -6.44
CA TYR C 368 -1.15 -3.33 -5.68
C TYR C 368 -2.06 -2.53 -6.61
N LEU C 369 -1.53 -2.06 -7.73
CA LEU C 369 -2.32 -1.30 -8.68
C LEU C 369 -3.49 -2.12 -9.20
N THR C 370 -3.19 -3.33 -9.66
CA THR C 370 -4.22 -4.20 -10.19
C THR C 370 -5.27 -4.59 -9.14
N ASN C 371 -4.85 -4.82 -7.90
CA ASN C 371 -5.82 -5.23 -6.90
C ASN C 371 -6.80 -4.11 -6.51
N ILE C 372 -6.26 -2.91 -6.33
CA ILE C 372 -7.09 -1.74 -6.15
C ILE C 372 -8.08 -1.63 -7.31
N LEU C 373 -7.59 -1.59 -8.55
CA LEU C 373 -8.45 -1.47 -9.72
C LEU C 373 -9.50 -2.59 -9.91
N LYS C 374 -9.17 -3.85 -9.67
CA LYS C 374 -10.20 -4.89 -9.78
C LYS C 374 -11.26 -4.72 -8.70
N THR C 375 -10.84 -4.41 -7.47
CA THR C 375 -11.74 -4.26 -6.32
C THR C 375 -12.75 -3.12 -6.48
N GLU C 376 -12.31 -2.02 -7.07
CA GLU C 376 -13.20 -0.92 -7.38
C GLU C 376 -14.18 -1.37 -8.46
N GLU C 377 -13.64 -1.91 -9.55
CA GLU C 377 -14.44 -2.17 -10.72
C GLU C 377 -15.07 -3.54 -10.71
N GLY C 378 -15.28 -4.09 -9.53
CA GLY C 378 -15.78 -5.45 -9.38
C GLY C 378 -16.73 -5.64 -8.21
N ASN C 379 -16.89 -4.57 -7.43
CA ASN C 379 -17.80 -4.49 -6.29
C ASN C 379 -18.81 -3.34 -6.42
N PRO C 380 -20.07 -3.58 -6.03
CA PRO C 380 -21.16 -2.61 -6.07
C PRO C 380 -20.90 -1.35 -5.23
N GLU C 381 -21.24 -0.17 -5.73
CA GLU C 381 -21.09 1.03 -4.90
C GLU C 381 -22.14 1.16 -3.78
N VAL C 382 -23.31 0.53 -4.00
CA VAL C 382 -24.40 0.51 -3.02
C VAL C 382 -24.96 -0.89 -2.81
N LEU C 383 -25.92 -1.00 -1.92
CA LEU C 383 -26.54 -2.28 -1.66
C LEU C 383 -28.06 -2.11 -1.56
N LYS C 384 -28.83 -2.65 -2.50
CA LYS C 384 -30.26 -2.42 -2.43
C LYS C 384 -30.95 -3.38 -1.45
N ARG C 385 -31.07 -2.95 -0.20
CA ARG C 385 -31.84 -3.70 0.79
C ARG C 385 -33.13 -2.97 1.17
N HIS C 386 -34.25 -3.60 0.86
CA HIS C 386 -35.59 -3.10 1.17
C HIS C 386 -35.81 -1.79 0.43
N GLY C 387 -35.46 -1.79 -0.85
CA GLY C 387 -35.59 -0.62 -1.68
C GLY C 387 -34.88 0.63 -1.19
N LYS C 388 -34.09 0.50 -0.12
CA LYS C 388 -33.18 1.57 0.29
C LYS C 388 -31.81 1.29 -0.29
N GLU C 389 -30.96 2.30 -0.39
CA GLU C 389 -29.66 2.16 -1.02
C GLU C 389 -28.49 2.43 -0.10
N LEU C 390 -28.15 1.48 0.75
CA LEU C 390 -27.01 1.63 1.65
C LEU C 390 -25.66 1.67 0.92
N ILE C 391 -24.77 2.55 1.37
CA ILE C 391 -23.40 2.64 0.87
C ILE C 391 -22.72 1.29 1.09
N ASN C 392 -22.14 0.70 0.05
CA ASN C 392 -21.42 -0.56 0.26
C ASN C 392 -20.06 -0.28 0.86
N PHE C 393 -19.89 -0.57 2.14
CA PHE C 393 -18.66 -0.21 2.82
C PHE C 393 -17.61 -1.31 2.82
N SER C 394 -18.01 -2.57 2.63
CA SER C 394 -17.01 -3.64 2.65
C SER C 394 -16.08 -3.52 1.45
N LYS C 395 -16.60 -2.97 0.35
CA LYS C 395 -15.78 -2.58 -0.80
C LYS C 395 -14.74 -1.52 -0.45
N ARG C 396 -15.16 -0.45 0.25
CA ARG C 396 -14.27 0.63 0.65
C ARG C 396 -13.25 0.15 1.67
N ARG C 397 -13.60 -0.91 2.40
CA ARG C 397 -12.68 -1.48 3.37
C ARG C 397 -11.60 -2.19 2.62
N LYS C 398 -11.98 -3.10 1.71
CA LYS C 398 -11.02 -3.85 0.89
C LYS C 398 -10.00 -2.95 0.18
N VAL C 399 -10.42 -1.80 -0.34
CA VAL C 399 -9.47 -0.89 -0.95
C VAL C 399 -8.52 -0.31 0.08
N ALA C 400 -9.05 0.05 1.26
CA ALA C 400 -8.23 0.69 2.28
C ALA C 400 -7.24 -0.29 2.87
N GLU C 401 -7.59 -1.57 2.78
CA GLU C 401 -6.77 -2.70 3.23
C GLU C 401 -5.44 -2.69 2.52
N ILE C 402 -5.52 -2.50 1.20
CA ILE C 402 -4.38 -2.41 0.31
C ILE C 402 -3.59 -1.15 0.57
N THR C 403 -4.21 0.02 0.36
CA THR C 403 -3.52 1.30 0.61
C THR C 403 -2.85 1.34 2.00
N GLY C 404 -3.35 0.56 2.94
CA GLY C 404 -2.67 0.36 4.20
C GLY C 404 -1.46 -0.57 4.13
N GLU C 405 -1.54 -1.59 3.29
CA GLU C 405 -0.44 -2.54 3.19
C GLU C 405 0.70 -1.80 2.58
N ILE C 406 0.36 -0.95 1.61
CA ILE C 406 1.31 -0.09 0.94
C ILE C 406 1.95 0.94 1.86
N GLN C 407 1.14 1.61 2.68
CA GLN C 407 1.65 2.62 3.63
C GLN C 407 2.63 1.92 4.57
N GLN C 408 2.37 0.65 4.81
CA GLN C 408 3.08 -0.09 5.83
C GLN C 408 4.57 -0.24 5.55
N TYR C 409 4.94 -0.28 4.26
CA TYR C 409 6.32 -0.52 3.85
C TYR C 409 7.04 0.78 3.60
N GLN C 410 6.25 1.84 3.58
CA GLN C 410 6.77 3.17 3.37
C GLN C 410 7.38 3.72 4.64
N ASN C 411 7.26 2.98 5.74
CA ASN C 411 7.67 3.49 7.03
C ASN C 411 9.18 3.50 7.29
N GLN C 412 9.81 2.33 7.17
CA GLN C 412 11.21 2.14 7.56
C GLN C 412 12.11 2.52 6.40
N PRO C 413 13.11 3.38 6.66
CA PRO C 413 13.97 3.92 5.62
C PRO C 413 15.28 3.16 5.59
N TYR C 414 15.93 3.09 4.43
CA TYR C 414 17.20 2.38 4.28
C TYR C 414 18.39 3.04 4.97
N CYS C 415 19.32 2.23 5.46
CA CYS C 415 20.54 2.76 6.04
C CYS C 415 21.69 2.76 5.03
N LEU C 416 21.54 3.48 3.93
CA LEU C 416 22.58 3.49 2.91
C LEU C 416 22.97 4.92 2.59
N ARG C 417 24.28 5.19 2.56
CA ARG C 417 24.76 6.54 2.31
C ARG C 417 24.51 6.92 0.83
N VAL C 418 23.77 8.01 0.60
CA VAL C 418 23.51 8.46 -0.78
C VAL C 418 24.78 9.05 -1.36
N GLU C 419 25.09 8.70 -2.61
CA GLU C 419 26.21 9.35 -3.30
C GLU C 419 25.66 10.34 -4.33
N SER C 420 25.88 11.62 -4.05
CA SER C 420 25.30 12.74 -4.80
C SER C 420 25.38 12.53 -6.31
N ASP C 421 26.59 12.30 -6.80
CA ASP C 421 26.89 12.14 -8.22
C ASP C 421 26.31 10.91 -8.88
N ILE C 422 26.45 9.76 -8.24
CA ILE C 422 25.90 8.53 -8.77
C ILE C 422 24.39 8.66 -8.82
N LYS C 423 23.78 9.28 -7.83
CA LYS C 423 22.34 9.43 -7.88
C LYS C 423 21.91 10.37 -9.01
N ARG C 424 22.66 11.45 -9.27
CA ARG C 424 22.24 12.38 -10.34
C ARG C 424 22.41 11.74 -11.71
N PHE C 425 23.27 10.73 -11.75
CA PHE C 425 23.52 10.01 -12.98
C PHE C 425 22.33 9.17 -13.39
N PHE C 426 21.66 8.55 -12.43
CA PHE C 426 20.56 7.65 -12.74
C PHE C 426 19.25 8.39 -12.90
N GLU C 427 19.13 9.55 -12.25
CA GLU C 427 17.94 10.35 -12.45
C GLU C 427 17.96 10.85 -13.91
N ASN C 428 19.11 11.36 -14.32
CA ASN C 428 19.28 11.92 -15.65
C ASN C 428 19.49 10.86 -16.73
N LEU C 429 19.07 9.64 -16.44
CA LEU C 429 19.20 8.53 -17.37
C LEU C 429 18.07 8.57 -18.36
N ASN C 430 18.38 8.28 -19.61
CA ASN C 430 17.34 8.30 -20.64
C ASN C 430 17.75 7.40 -21.77
N PRO C 431 17.27 6.15 -21.78
CA PRO C 431 17.87 5.33 -22.81
C PRO C 431 17.22 5.65 -24.15
N MET C 432 15.99 6.18 -24.11
CA MET C 432 15.18 6.36 -25.30
C MET C 432 15.58 7.58 -26.10
N GLY C 433 16.19 8.54 -25.42
CA GLY C 433 16.56 9.80 -26.06
C GLY C 433 15.38 10.59 -26.63
N ASN C 434 15.25 10.58 -27.96
CA ASN C 434 14.28 11.41 -28.66
C ASN C 434 13.26 10.57 -29.40
N SER C 435 13.48 9.26 -29.40
CA SER C 435 12.66 8.33 -30.16
C SER C 435 11.43 7.92 -29.38
N MET C 436 10.41 7.45 -30.08
CA MET C 436 9.19 6.99 -29.45
C MET C 436 9.29 5.54 -28.93
N GLU C 437 8.22 5.01 -28.35
CA GLU C 437 8.24 3.65 -27.82
C GLU C 437 8.32 2.65 -28.96
N LYS C 438 7.53 2.81 -30.01
CA LYS C 438 7.66 1.89 -31.14
C LYS C 438 9.06 1.97 -31.76
N GLU C 439 9.50 3.18 -32.13
CA GLU C 439 10.86 3.40 -32.69
C GLU C 439 12.00 2.70 -31.95
N PHE C 440 12.07 2.95 -30.65
CA PHE C 440 13.12 2.42 -29.79
C PHE C 440 12.98 0.91 -29.59
N THR C 441 11.76 0.41 -29.35
CA THR C 441 11.53 -1.02 -29.19
C THR C 441 12.05 -1.82 -30.39
N ASP C 442 11.75 -1.29 -31.58
CA ASP C 442 12.12 -1.95 -32.81
C ASP C 442 13.63 -1.95 -32.95
N TYR C 443 14.25 -0.80 -32.68
CA TYR C 443 15.70 -0.68 -32.78
C TYR C 443 16.43 -1.70 -31.95
N LEU C 444 16.06 -1.77 -30.66
CA LEU C 444 16.62 -2.72 -29.72
C LEU C 444 16.47 -4.10 -30.27
N PHE C 445 15.30 -4.37 -30.82
CA PHE C 445 15.05 -5.70 -31.31
C PHE C 445 15.88 -6.08 -32.52
N ASN C 446 16.15 -5.12 -33.40
CA ASN C 446 16.98 -5.39 -34.57
C ASN C 446 18.46 -5.53 -34.26
N LYS C 447 18.95 -4.72 -33.30
CA LYS C 447 20.27 -4.97 -32.76
C LYS C 447 20.35 -6.37 -32.18
N SER C 448 19.24 -6.94 -31.74
CA SER C 448 19.28 -8.32 -31.29
C SER C 448 19.44 -9.25 -32.49
N LEU C 449 18.72 -8.96 -33.56
CA LEU C 449 18.80 -9.74 -34.78
C LEU C 449 20.16 -9.59 -35.46
N GLU C 450 20.80 -8.44 -35.25
CA GLU C 450 22.09 -8.19 -35.83
C GLU C 450 23.18 -8.97 -35.08
N ILE C 451 23.23 -8.84 -33.75
CA ILE C 451 24.34 -9.40 -32.97
C ILE C 451 24.27 -10.91 -32.77
N GLU C 452 23.12 -11.49 -33.08
CA GLU C 452 22.90 -12.91 -32.92
C GLU C 452 21.75 -13.38 -33.79
N PRO C 453 21.99 -13.42 -35.11
CA PRO C 453 20.94 -13.47 -36.12
C PRO C 453 20.22 -14.79 -36.10
N ARG C 454 19.04 -14.84 -36.72
CA ARG C 454 18.20 -16.03 -36.63
C ARG C 454 18.93 -17.24 -37.10
N ASN C 455 18.49 -18.43 -36.72
CA ASN C 455 19.08 -19.58 -37.39
C ASN C 455 18.48 -19.68 -38.80
N PRO C 456 19.22 -20.26 -39.76
CA PRO C 456 20.55 -20.86 -39.67
C PRO C 456 21.74 -19.91 -39.91
N LYS C 457 21.50 -18.65 -40.28
CA LYS C 457 22.58 -17.66 -40.46
C LYS C 457 23.61 -17.73 -39.32
N PRO C 458 24.89 -17.83 -39.69
CA PRO C 458 26.02 -18.07 -38.80
C PRO C 458 26.31 -16.87 -37.90
N LEU C 459 26.66 -17.14 -36.65
CA LEU C 459 26.96 -16.08 -35.68
C LEU C 459 28.21 -15.31 -36.07
N PRO C 460 28.05 -14.05 -36.49
CA PRO C 460 29.14 -13.19 -36.94
C PRO C 460 30.08 -12.83 -35.80
N ARG C 461 31.09 -12.03 -36.10
CA ARG C 461 32.02 -11.55 -35.07
C ARG C 461 32.07 -10.04 -35.07
N PHE C 462 32.06 -9.45 -33.88
CA PHE C 462 32.12 -8.00 -33.73
C PHE C 462 33.34 -7.66 -32.90
N PRO C 463 33.77 -6.40 -32.92
CA PRO C 463 34.94 -5.92 -32.17
C PRO C 463 34.64 -5.43 -30.76
N LYS C 464 35.67 -5.37 -29.92
CA LYS C 464 35.49 -4.89 -28.55
C LYS C 464 35.20 -3.38 -28.50
N LYS C 465 34.36 -2.93 -27.56
CA LYS C 465 34.11 -1.48 -27.41
C LYS C 465 34.65 -0.88 -26.12
N TYR C 466 34.75 -1.72 -25.10
CA TYR C 466 35.18 -1.27 -23.79
C TYR C 466 36.69 -1.36 -23.68
N SER C 467 37.30 -0.24 -23.31
CA SER C 467 38.74 -0.15 -23.16
C SER C 467 39.21 -0.53 -21.76
N TYR C 468 38.28 -0.76 -20.84
CA TYR C 468 38.59 -1.10 -19.44
C TYR C 468 38.48 -2.59 -19.13
N PRO C 469 39.10 -3.03 -18.01
CA PRO C 469 38.94 -4.46 -17.65
C PRO C 469 37.50 -4.85 -17.35
N LEU C 470 37.06 -5.97 -17.90
CA LEU C 470 35.69 -6.47 -17.72
C LEU C 470 35.42 -7.35 -16.48
N LYS C 471 36.46 -7.62 -15.68
CA LYS C 471 36.27 -8.44 -14.50
C LYS C 471 35.40 -7.67 -13.53
N SER C 472 34.51 -8.41 -12.87
CA SER C 472 33.66 -7.85 -11.82
C SER C 472 34.44 -7.82 -10.51
N PRO C 473 34.17 -6.81 -9.67
CA PRO C 473 34.77 -6.68 -8.34
C PRO C 473 34.16 -7.64 -7.32
N GLY C 474 33.11 -8.36 -7.74
CA GLY C 474 32.43 -9.29 -6.84
C GLY C 474 31.42 -8.50 -6.04
N VAL C 475 30.39 -9.17 -5.54
CA VAL C 475 29.36 -8.45 -4.82
C VAL C 475 29.49 -8.62 -3.32
N ARG C 476 30.65 -9.11 -2.88
CA ARG C 476 30.99 -9.16 -1.46
C ARG C 476 31.62 -7.83 -1.08
N PRO C 477 31.02 -7.14 -0.11
CA PRO C 477 31.44 -5.80 0.33
C PRO C 477 32.74 -5.83 1.11
N SER C 478 33.51 -4.76 0.88
CA SER C 478 34.88 -4.64 1.35
C SER C 478 35.04 -3.50 2.36
N ASN C 479 35.26 -3.86 3.63
CA ASN C 479 35.23 -2.89 4.74
C ASN C 479 36.59 -2.48 5.40
N PRO C 480 37.20 -1.35 4.95
CA PRO C 480 38.43 -0.86 5.56
C PRO C 480 38.23 0.06 6.82
N ARG C 481 39.35 0.55 7.38
CA ARG C 481 39.43 1.33 8.65
C ARG C 481 38.16 2.04 9.12
MG MG D . 0.32 9.90 22.67
PG GNP E . -0.27 12.12 25.06
O1G GNP E . -0.86 13.49 25.28
O2G GNP E . -0.19 11.66 23.60
O3G GNP E . -1.10 11.28 26.01
N3B GNP E . 1.25 12.04 25.51
PB GNP E . 2.44 11.46 24.60
O1B GNP E . 2.95 10.22 25.21
O2B GNP E . 1.94 11.40 23.20
O3A GNP E . 3.65 12.40 24.65
PA GNP E . 4.51 12.68 23.41
O1A GNP E . 5.16 11.39 23.15
O2A GNP E . 3.74 13.29 22.28
O5' GNP E . 5.71 13.64 23.73
C5' GNP E . 5.77 14.50 24.85
C4' GNP E . 6.93 15.45 24.67
O4' GNP E . 8.13 14.86 25.21
C3' GNP E . 7.26 15.83 23.23
O3' GNP E . 7.78 17.15 23.12
C2' GNP E . 8.35 14.83 22.86
O2' GNP E . 9.22 15.38 21.88
C1' GNP E . 9.09 14.71 24.18
N9 GNP E . 9.78 13.43 24.32
C8 GNP E . 9.23 12.18 24.19
N7 GNP E . 10.10 11.23 24.38
C5 GNP E . 11.29 11.89 24.64
C6 GNP E . 12.60 11.39 24.94
O6 GNP E . 12.99 10.21 25.03
N1 GNP E . 13.52 12.41 25.15
C2 GNP E . 13.23 13.74 25.10
N2 GNP E . 14.25 14.55 25.32
N3 GNP E . 12.03 14.23 24.83
C4 GNP E . 11.11 13.25 24.62
C01 RND F . 15.79 -17.17 -18.01
C02 RND F . 14.84 -16.88 -16.97
C03 RND F . 14.20 -15.65 -16.88
C04 RND F . 14.50 -14.69 -17.84
C05 RND F . 15.47 -14.99 -18.91
C06 RND F . 16.10 -16.19 -18.98
N07 RND F . 15.93 -14.21 -19.97
C08 RND F . 16.98 -16.15 -20.14
C09 RND F . 16.81 -14.88 -20.69
C10 RND F . 17.90 -17.20 -20.68
N11 RND F . 17.14 -18.35 -21.26
C12 RND F . 16.03 -19.26 -20.87
C13 RND F . 15.58 -20.17 -21.96
C14 RND F . 16.73 -20.88 -22.50
C15 RND F . 17.71 -19.90 -23.01
C16 RND F . 18.24 -19.06 -21.90
N17 RND F . 17.42 -21.68 -21.47
C18 RND F . 17.02 -23.02 -21.05
C19 RND F . 17.80 -23.77 -20.01
O20 RND F . 16.07 -23.58 -21.55
C21 RND F . 17.43 -23.38 -18.57
N22 RND F . 19.19 -23.64 -20.22
C23 RND F . 17.67 -22.02 -17.95
N24 RND F . 17.26 -20.17 -16.70
C25 RND F . 16.75 -21.38 -17.10
C26 RND F . 18.79 -21.10 -18.06
C27 RND F . 18.49 -19.98 -17.27
C28 RND F . 19.41 -18.86 -17.16
C29 RND F . 20.59 -18.91 -17.84
C30 RND F . 20.92 -20.02 -18.64
C31 RND F . 20.01 -21.14 -18.75
#